data_1KJI
#
_entry.id   1KJI
#
_cell.length_a   62.200
_cell.length_b   179.200
_cell.length_c   76.200
_cell.angle_alpha   90.00
_cell.angle_beta   90.00
_cell.angle_gamma   90.00
#
_symmetry.space_group_name_H-M   'P 21 21 2'
#
loop_
_entity.id
_entity.type
_entity.pdbx_description
1 polymer 'phosphoribosylglycinamide formyltransferase 2'
2 non-polymer 'MAGNESIUM ION'
3 non-polymer 'SODIUM ION'
4 non-polymer 'CHLORIDE ION'
5 non-polymer 'PHOSPHOMETHYLPHOSPHONIC ACID ADENYLATE ESTER'
6 non-polymer '3[N-MORPHOLINO]PROPANE SULFONIC ACID'
7 non-polymer 1,2-ETHANEDIOL
8 water water
#
_entity_poly.entity_id   1
_entity_poly.type   'polypeptide(L)'
_entity_poly.pdbx_seq_one_letter_code
;TLLGTALRPAATRVMLLGSGELGKEVAIECQRLGVEVIAVDRYADAPAMHVAHRSHVINMLDGDALRRVVELEKPHYIVP
EIEAIATDMLIQLEEEGLNVVPCARATKLTMNREGIRRLAAEELQLPTSTYRFADSESLFREAVADIGYPCIVKPVMSSS
GKGQTFIRSAEQLAQAWKYAQQGGRAGAGRVIVEGVVKFDFEITLLTVSAVDGVHFCAPVGHRQEDGDYRESWQPQQMSP
LALERAQEIARKVVLALGGYGLFGVELFVCGDEVIFSEVSPRPHDTGMVTLISQDLSEFALHVRAFLGLPVGGIRQYGPA
ASAVILPQLTSQNVTFDNVQNAVGADLQIRLFGKPEIDGSRRLGVALATAESVVDAIERAKHAAGQVKVQG
;
_entity_poly.pdbx_strand_id   A,B
#
# COMPACT_ATOMS: atom_id res chain seq x y z
N THR A 1 13.22 -12.60 -14.85
CA THR A 1 12.66 -11.25 -14.67
C THR A 1 13.66 -10.29 -14.01
N LEU A 2 13.92 -9.22 -14.77
CA LEU A 2 14.82 -8.16 -14.40
C LEU A 2 14.09 -6.82 -14.25
N LEU A 3 14.28 -6.19 -13.11
CA LEU A 3 13.67 -4.88 -12.85
C LEU A 3 14.77 -3.86 -12.61
N GLY A 4 14.60 -2.67 -13.19
CA GLY A 4 15.58 -1.61 -13.01
C GLY A 4 15.20 -0.82 -11.76
N THR A 5 15.78 0.37 -11.56
CA THR A 5 15.44 1.23 -10.43
C THR A 5 14.73 2.48 -10.95
N ALA A 6 13.53 2.75 -10.47
CA ALA A 6 12.83 3.92 -10.99
C ALA A 6 13.73 5.17 -11.00
N LEU A 7 13.63 5.93 -12.09
CA LEU A 7 14.35 7.19 -12.30
C LEU A 7 15.80 7.03 -12.78
N ARG A 8 16.29 5.80 -12.76
CA ARG A 8 17.65 5.48 -13.18
C ARG A 8 17.61 5.08 -14.66
N PRO A 9 18.73 5.07 -15.35
CA PRO A 9 18.71 4.73 -16.78
C PRO A 9 18.10 3.40 -17.18
N ALA A 10 18.27 2.41 -16.32
CA ALA A 10 17.76 1.09 -16.55
C ALA A 10 16.37 0.87 -15.94
N ALA A 11 15.71 1.94 -15.52
CA ALA A 11 14.38 1.84 -14.93
C ALA A 11 13.36 1.05 -15.77
N THR A 12 12.45 0.37 -15.07
CA THR A 12 11.36 -0.35 -15.72
C THR A 12 10.22 0.67 -15.70
N ARG A 13 9.68 1.00 -16.88
CA ARG A 13 8.65 2.00 -16.97
C ARG A 13 7.29 1.48 -17.37
N VAL A 14 6.31 1.87 -16.55
CA VAL A 14 4.91 1.51 -16.75
C VAL A 14 4.08 2.75 -17.02
N MET A 15 3.28 2.73 -18.09
CA MET A 15 2.44 3.87 -18.37
C MET A 15 0.99 3.50 -18.06
N LEU A 16 0.32 4.28 -17.21
CA LEU A 16 -1.06 3.99 -16.89
C LEU A 16 -1.94 4.87 -17.77
N LEU A 17 -2.87 4.26 -18.50
CA LEU A 17 -3.84 4.98 -19.37
C LEU A 17 -5.16 4.88 -18.63
N GLY A 18 -5.36 5.90 -17.80
CA GLY A 18 -6.50 6.04 -16.92
C GLY A 18 -5.88 6.03 -15.52
N SER A 19 -6.05 7.11 -14.78
CA SER A 19 -5.50 7.33 -13.46
C SER A 19 -6.49 7.45 -12.30
N GLY A 20 -7.55 6.61 -12.35
CA GLY A 20 -8.59 6.55 -11.33
C GLY A 20 -8.04 5.84 -10.11
N GLU A 21 -8.95 5.56 -9.18
CA GLU A 21 -8.65 4.89 -7.92
C GLU A 21 -8.15 3.47 -8.11
N LEU A 22 -8.53 2.85 -9.25
CA LEU A 22 -8.06 1.50 -9.51
C LEU A 22 -6.59 1.59 -9.95
N GLY A 23 -6.32 2.55 -10.85
CA GLY A 23 -4.97 2.80 -11.34
C GLY A 23 -4.08 3.25 -10.17
N LYS A 24 -4.66 3.96 -9.20
CA LYS A 24 -3.94 4.45 -8.06
C LYS A 24 -3.27 3.32 -7.33
N GLU A 25 -4.02 2.23 -7.16
CA GLU A 25 -3.49 1.07 -6.46
C GLU A 25 -2.45 0.35 -7.27
N VAL A 26 -2.69 0.33 -8.59
CA VAL A 26 -1.72 -0.29 -9.48
C VAL A 26 -0.42 0.52 -9.35
N ALA A 27 -0.51 1.85 -9.35
CA ALA A 27 0.68 2.68 -9.20
C ALA A 27 1.41 2.37 -7.91
N ILE A 28 0.69 2.27 -6.80
CA ILE A 28 1.29 1.99 -5.49
C ILE A 28 2.03 0.65 -5.50
N GLU A 29 1.40 -0.32 -6.13
CA GLU A 29 2.02 -1.62 -6.24
C GLU A 29 3.28 -1.58 -7.11
N CYS A 30 3.26 -0.77 -8.17
CA CYS A 30 4.44 -0.62 -9.03
C CYS A 30 5.58 0.04 -8.24
N GLN A 31 5.22 1.11 -7.53
CA GLN A 31 6.15 1.85 -6.71
C GLN A 31 6.74 0.99 -5.61
N ARG A 32 5.99 0.02 -5.11
CA ARG A 32 6.50 -0.84 -4.06
C ARG A 32 7.69 -1.72 -4.51
N LEU A 33 7.75 -1.87 -5.83
CA LEU A 33 8.79 -2.64 -6.53
C LEU A 33 9.80 -1.73 -7.23
N GLY A 34 9.76 -0.43 -6.95
CA GLY A 34 10.67 0.51 -7.55
C GLY A 34 10.46 0.65 -9.06
N VAL A 35 9.24 0.38 -9.53
CA VAL A 35 8.90 0.51 -10.94
C VAL A 35 8.55 1.95 -11.17
N GLU A 36 9.00 2.50 -12.31
CA GLU A 36 8.76 3.88 -12.67
C GLU A 36 7.35 4.02 -13.27
N VAL A 37 6.58 4.99 -12.77
CA VAL A 37 5.19 5.17 -13.18
C VAL A 37 4.86 6.53 -13.80
N ILE A 38 4.26 6.45 -14.99
CA ILE A 38 3.82 7.61 -15.72
C ILE A 38 2.29 7.44 -15.82
N ALA A 39 1.59 8.38 -15.18
CA ALA A 39 0.14 8.37 -15.13
C ALA A 39 -0.46 9.32 -16.15
N VAL A 40 -1.35 8.74 -16.96
CA VAL A 40 -2.03 9.50 -17.99
C VAL A 40 -3.57 9.47 -17.77
N ASP A 41 -4.23 10.59 -18.09
CA ASP A 41 -5.70 10.70 -17.98
C ASP A 41 -6.19 11.89 -18.78
N ARG A 42 -7.48 12.15 -18.73
CA ARG A 42 -8.09 13.25 -19.45
C ARG A 42 -8.31 14.51 -18.60
N TYR A 43 -7.92 14.47 -17.33
CA TYR A 43 -8.07 15.59 -16.40
C TYR A 43 -6.86 15.55 -15.47
N ALA A 44 -6.50 16.68 -14.88
CA ALA A 44 -5.35 16.73 -14.00
C ALA A 44 -5.66 16.33 -12.57
N ASP A 45 -4.57 16.00 -11.87
CA ASP A 45 -4.64 15.62 -10.47
C ASP A 45 -5.50 14.39 -10.21
N ALA A 46 -5.62 13.54 -11.24
CA ALA A 46 -6.37 12.32 -11.09
C ALA A 46 -5.66 11.46 -10.03
N PRO A 47 -6.43 10.70 -9.25
CA PRO A 47 -5.87 9.88 -8.18
C PRO A 47 -4.49 9.21 -8.39
N ALA A 48 -4.32 8.42 -9.48
CA ALA A 48 -3.03 7.75 -9.73
C ALA A 48 -1.88 8.72 -9.96
N MET A 49 -2.22 9.91 -10.45
CA MET A 49 -1.16 10.87 -10.66
C MET A 49 -0.55 11.32 -9.33
N HIS A 50 -1.34 11.18 -8.27
CA HIS A 50 -0.80 11.62 -6.99
C HIS A 50 0.41 10.82 -6.54
N VAL A 51 0.46 9.56 -6.96
CA VAL A 51 1.54 8.67 -6.58
C VAL A 51 2.38 8.23 -7.76
N ALA A 52 2.40 8.99 -8.85
CA ALA A 52 3.20 8.60 -10.00
C ALA A 52 4.47 9.43 -10.08
N HIS A 53 5.49 8.95 -10.80
CA HIS A 53 6.70 9.75 -10.93
C HIS A 53 6.37 10.96 -11.81
N ARG A 54 5.60 10.75 -12.89
CA ARG A 54 5.25 11.88 -13.80
C ARG A 54 3.84 11.66 -14.34
N SER A 55 3.20 12.75 -14.74
CA SER A 55 1.85 12.72 -15.27
C SER A 55 1.66 13.55 -16.55
N HIS A 56 0.71 13.11 -17.37
CA HIS A 56 0.36 13.78 -18.60
C HIS A 56 -1.16 13.76 -18.70
N VAL A 57 -1.68 14.77 -19.37
CA VAL A 57 -3.13 14.90 -19.58
C VAL A 57 -3.34 15.00 -21.08
N ILE A 58 -4.04 14.02 -21.69
CA ILE A 58 -4.26 14.03 -23.13
C ILE A 58 -5.61 13.41 -23.47
N ASN A 59 -5.86 13.38 -24.76
CA ASN A 59 -7.07 12.78 -25.26
C ASN A 59 -6.65 11.33 -25.53
N MET A 60 -7.00 10.43 -24.61
CA MET A 60 -6.60 9.04 -24.77
C MET A 60 -7.28 8.31 -25.90
N LEU A 61 -8.31 8.93 -26.43
CA LEU A 61 -9.00 8.33 -27.53
C LEU A 61 -8.35 8.73 -28.83
N ASP A 62 -7.48 9.76 -28.75
CA ASP A 62 -6.76 10.26 -29.91
C ASP A 62 -5.50 9.40 -30.12
N GLY A 63 -5.52 8.55 -31.13
CA GLY A 63 -4.42 7.67 -31.42
C GLY A 63 -3.09 8.37 -31.62
N ASP A 64 -3.14 9.55 -32.21
CA ASP A 64 -1.91 10.25 -32.43
C ASP A 64 -1.33 10.82 -31.15
N ALA A 65 -2.23 11.26 -30.27
CA ALA A 65 -1.86 11.85 -29.00
C ALA A 65 -1.18 10.78 -28.17
N LEU A 66 -1.77 9.61 -28.29
CA LEU A 66 -1.31 8.42 -27.61
C LEU A 66 0.07 8.07 -28.08
N ARG A 67 0.25 8.04 -29.39
CA ARG A 67 1.57 7.71 -29.88
C ARG A 67 2.55 8.75 -29.40
N ARG A 68 2.12 10.02 -29.39
CA ARG A 68 3.07 11.04 -28.93
C ARG A 68 3.56 10.83 -27.50
N VAL A 69 2.62 10.59 -26.62
CA VAL A 69 3.06 10.43 -25.26
C VAL A 69 3.92 9.21 -25.09
N VAL A 70 3.56 8.16 -25.84
CA VAL A 70 4.30 6.92 -25.75
C VAL A 70 5.73 7.11 -26.25
N GLU A 71 5.85 7.89 -27.34
CA GLU A 71 7.16 8.15 -27.91
C GLU A 71 8.00 8.95 -26.94
N LEU A 72 7.34 9.92 -26.30
CA LEU A 72 7.97 10.80 -25.34
C LEU A 72 8.46 10.08 -24.06
N GLU A 73 7.62 9.23 -23.47
CA GLU A 73 7.99 8.53 -22.25
C GLU A 73 8.62 7.15 -22.39
N LYS A 74 8.46 6.53 -23.57
CA LYS A 74 9.00 5.21 -23.84
C LYS A 74 8.82 4.18 -22.73
N PRO A 75 7.57 3.94 -22.33
CA PRO A 75 7.29 2.95 -21.29
C PRO A 75 7.50 1.53 -21.82
N HIS A 76 7.78 0.59 -20.93
CA HIS A 76 7.94 -0.82 -21.31
C HIS A 76 6.53 -1.45 -21.38
N TYR A 77 5.65 -0.95 -20.50
CA TYR A 77 4.27 -1.38 -20.42
C TYR A 77 3.28 -0.24 -20.45
N ILE A 78 2.18 -0.51 -21.17
CA ILE A 78 1.06 0.41 -21.27
C ILE A 78 -0.10 -0.38 -20.62
N VAL A 79 -0.61 0.20 -19.53
CA VAL A 79 -1.68 -0.36 -18.68
C VAL A 79 -2.97 0.49 -18.63
N PRO A 80 -3.93 0.14 -19.48
CA PRO A 80 -5.20 0.89 -19.55
C PRO A 80 -6.10 0.56 -18.39
N GLU A 81 -6.75 1.57 -17.87
CA GLU A 81 -7.64 1.42 -16.74
C GLU A 81 -9.10 1.45 -17.13
N ILE A 82 -9.38 1.98 -18.35
CA ILE A 82 -10.72 2.15 -18.93
C ILE A 82 -10.84 1.59 -20.37
N GLU A 83 -12.11 1.53 -20.83
CA GLU A 83 -12.46 1.02 -22.16
C GLU A 83 -12.22 2.05 -23.26
N ALA A 84 -12.50 3.30 -22.95
CA ALA A 84 -12.36 4.41 -23.89
C ALA A 84 -10.96 4.85 -24.29
N ILE A 85 -10.25 4.00 -24.99
CA ILE A 85 -8.92 4.44 -25.37
C ILE A 85 -8.73 4.07 -26.84
N ALA A 86 -7.76 4.69 -27.53
CA ALA A 86 -7.50 4.41 -28.94
C ALA A 86 -6.97 2.99 -29.17
N THR A 87 -7.84 2.01 -29.05
CA THR A 87 -7.42 0.61 -29.21
C THR A 87 -6.65 0.28 -30.49
N ASP A 88 -6.98 0.96 -31.59
CA ASP A 88 -6.29 0.67 -32.84
C ASP A 88 -4.82 1.04 -32.76
N MET A 89 -4.56 2.12 -32.03
CA MET A 89 -3.17 2.53 -31.87
C MET A 89 -2.45 1.60 -30.92
N LEU A 90 -3.17 1.10 -29.92
CA LEU A 90 -2.52 0.18 -29.00
C LEU A 90 -2.07 -1.03 -29.78
N ILE A 91 -2.92 -1.45 -30.71
CA ILE A 91 -2.55 -2.60 -31.53
C ILE A 91 -1.25 -2.27 -32.29
N GLN A 92 -1.22 -1.07 -32.88
CA GLN A 92 -0.09 -0.59 -33.63
C GLN A 92 1.17 -0.65 -32.81
N LEU A 93 1.08 -0.01 -31.66
CA LEU A 93 2.19 0.04 -30.75
C LEU A 93 2.64 -1.32 -30.25
N GLU A 94 1.70 -2.22 -30.06
CA GLU A 94 2.06 -3.54 -29.58
C GLU A 94 2.88 -4.27 -30.65
N GLU A 95 2.52 -3.98 -31.90
CA GLU A 95 3.23 -4.56 -33.03
C GLU A 95 4.62 -3.92 -33.07
N GLU A 96 4.69 -2.58 -32.86
CA GLU A 96 5.94 -1.82 -32.85
C GLU A 96 6.80 -2.20 -31.67
N GLY A 97 6.35 -3.26 -30.99
CA GLY A 97 7.00 -3.83 -29.82
C GLY A 97 6.52 -3.48 -28.39
N LEU A 98 5.54 -2.58 -28.18
CA LEU A 98 5.13 -2.27 -26.82
C LEU A 98 4.24 -3.35 -26.16
N ASN A 99 4.49 -3.58 -24.88
CA ASN A 99 3.71 -4.53 -24.10
C ASN A 99 2.46 -3.80 -23.59
N VAL A 100 1.33 -4.13 -24.19
CA VAL A 100 0.02 -3.61 -23.85
C VAL A 100 -0.58 -4.62 -22.88
N VAL A 101 -0.97 -4.20 -21.69
CA VAL A 101 -1.50 -5.15 -20.72
C VAL A 101 -3.03 -5.26 -20.74
N PRO A 102 -3.62 -6.48 -20.81
CA PRO A 102 -2.91 -7.75 -20.87
C PRO A 102 -2.40 -8.00 -22.29
N CYS A 103 -3.10 -7.47 -23.28
CA CYS A 103 -2.73 -7.52 -24.70
C CYS A 103 -3.63 -6.55 -25.43
N ALA A 104 -3.21 -6.07 -26.61
CA ALA A 104 -3.99 -5.08 -27.38
C ALA A 104 -5.35 -5.62 -27.87
N ARG A 105 -5.35 -6.88 -28.28
CA ARG A 105 -6.59 -7.50 -28.75
C ARG A 105 -7.62 -7.55 -27.62
N ALA A 106 -7.16 -7.91 -26.40
CA ALA A 106 -8.10 -7.99 -25.30
C ALA A 106 -8.72 -6.63 -25.11
N THR A 107 -7.94 -5.61 -25.33
CA THR A 107 -8.51 -4.29 -25.15
C THR A 107 -9.50 -3.90 -26.25
N LYS A 108 -9.21 -4.35 -27.47
CA LYS A 108 -10.06 -4.04 -28.58
C LYS A 108 -11.39 -4.77 -28.39
N LEU A 109 -11.30 -6.07 -28.07
CA LEU A 109 -12.51 -6.85 -27.88
C LEU A 109 -13.45 -6.33 -26.82
N THR A 110 -12.86 -5.88 -25.72
CA THR A 110 -13.69 -5.40 -24.62
C THR A 110 -14.10 -3.92 -24.58
N MET A 111 -13.69 -3.13 -25.55
CA MET A 111 -14.06 -1.71 -25.54
C MET A 111 -15.51 -1.48 -25.95
N ASN A 112 -16.05 -2.53 -26.51
CA ASN A 112 -17.42 -2.48 -26.92
C ASN A 112 -18.06 -3.84 -26.73
N ARG A 113 -19.29 -3.79 -26.25
CA ARG A 113 -20.05 -4.99 -25.97
C ARG A 113 -20.10 -5.98 -27.11
N GLU A 114 -20.13 -5.48 -28.35
CA GLU A 114 -20.20 -6.42 -29.44
C GLU A 114 -19.02 -7.38 -29.58
N GLY A 115 -17.81 -6.84 -29.47
CA GLY A 115 -16.69 -7.71 -29.62
C GLY A 115 -16.66 -8.81 -28.58
N ILE A 116 -16.78 -8.38 -27.33
CA ILE A 116 -16.74 -9.33 -26.24
C ILE A 116 -17.92 -10.30 -26.20
N ARG A 117 -19.14 -9.80 -26.43
CA ARG A 117 -20.30 -10.70 -26.39
C ARG A 117 -20.26 -11.74 -27.50
N ARG A 118 -19.93 -11.29 -28.69
CA ARG A 118 -19.87 -12.23 -29.80
C ARG A 118 -18.76 -13.24 -29.60
N LEU A 119 -17.61 -12.81 -29.07
CA LEU A 119 -16.55 -13.76 -28.81
C LEU A 119 -16.99 -14.83 -27.79
N ALA A 120 -17.49 -14.38 -26.64
CA ALA A 120 -17.89 -15.32 -25.61
C ALA A 120 -18.99 -16.31 -26.03
N ALA A 121 -20.04 -15.72 -26.56
CA ALA A 121 -21.20 -16.47 -26.96
C ALA A 121 -21.08 -17.25 -28.24
N GLU A 122 -20.52 -16.62 -29.25
CA GLU A 122 -20.40 -17.30 -30.54
C GLU A 122 -19.10 -18.11 -30.73
N GLU A 123 -17.97 -17.47 -30.46
CA GLU A 123 -16.71 -18.16 -30.64
C GLU A 123 -16.39 -19.16 -29.55
N LEU A 124 -16.58 -18.73 -28.30
CA LEU A 124 -16.27 -19.61 -27.20
C LEU A 124 -17.42 -20.47 -26.73
N GLN A 125 -18.62 -20.15 -27.23
CA GLN A 125 -19.79 -20.91 -26.86
C GLN A 125 -20.06 -20.99 -25.37
N LEU A 126 -19.80 -19.88 -24.69
CA LEU A 126 -20.04 -19.78 -23.26
C LEU A 126 -21.52 -19.39 -23.08
N PRO A 127 -22.13 -19.81 -21.97
CA PRO A 127 -23.52 -19.45 -21.74
C PRO A 127 -23.63 -17.99 -21.41
N THR A 128 -24.54 -17.27 -22.06
CA THR A 128 -24.78 -15.82 -21.82
C THR A 128 -26.26 -15.56 -21.97
N SER A 129 -26.71 -14.36 -21.60
CA SER A 129 -28.11 -14.00 -21.80
C SER A 129 -28.36 -13.99 -23.32
N THR A 130 -29.64 -13.95 -23.70
CA THR A 130 -29.92 -13.87 -25.11
C THR A 130 -29.60 -12.40 -25.42
N TYR A 131 -29.32 -12.12 -26.68
CA TYR A 131 -29.02 -10.75 -27.00
C TYR A 131 -29.26 -10.47 -28.50
N ARG A 132 -29.37 -9.18 -28.81
CA ARG A 132 -29.52 -8.70 -30.17
C ARG A 132 -28.94 -7.28 -30.16
N PHE A 133 -28.20 -6.95 -31.21
CA PHE A 133 -27.65 -5.63 -31.38
C PHE A 133 -28.60 -4.84 -32.31
N ALA A 134 -28.61 -3.52 -32.17
CA ALA A 134 -29.45 -2.68 -33.01
C ALA A 134 -28.80 -1.32 -33.21
N ASP A 135 -28.86 -0.81 -34.43
CA ASP A 135 -28.29 0.47 -34.75
C ASP A 135 -29.28 1.52 -35.23
N SER A 136 -30.54 1.24 -35.01
CA SER A 136 -31.62 2.13 -35.37
C SER A 136 -32.78 1.89 -34.43
N GLU A 137 -33.63 2.92 -34.29
CA GLU A 137 -34.78 2.83 -33.42
C GLU A 137 -35.68 1.70 -33.87
N SER A 138 -35.78 1.57 -35.18
CA SER A 138 -36.61 0.52 -35.69
C SER A 138 -35.99 -0.84 -35.50
N LEU A 139 -34.69 -0.90 -35.70
CA LEU A 139 -34.03 -2.17 -35.52
C LEU A 139 -34.06 -2.52 -34.04
N PHE A 140 -34.06 -1.45 -33.23
CA PHE A 140 -34.12 -1.54 -31.78
C PHE A 140 -35.45 -2.21 -31.43
N ARG A 141 -36.55 -1.71 -32.01
CA ARG A 141 -37.86 -2.27 -31.75
C ARG A 141 -38.00 -3.73 -32.20
N GLU A 142 -37.43 -4.05 -33.35
CA GLU A 142 -37.47 -5.43 -33.84
C GLU A 142 -36.73 -6.37 -32.88
N ALA A 143 -35.64 -5.83 -32.32
CA ALA A 143 -34.83 -6.60 -31.38
C ALA A 143 -35.64 -6.97 -30.14
N VAL A 144 -36.29 -5.96 -29.53
CA VAL A 144 -37.10 -6.14 -28.32
C VAL A 144 -38.16 -7.19 -28.58
N ALA A 145 -38.86 -7.04 -29.71
CA ALA A 145 -39.89 -7.99 -30.07
C ALA A 145 -39.36 -9.40 -30.08
N ASP A 146 -38.16 -9.56 -30.58
CA ASP A 146 -37.59 -10.88 -30.64
C ASP A 146 -37.09 -11.40 -29.30
N ILE A 147 -36.44 -10.50 -28.55
CA ILE A 147 -35.90 -10.83 -27.24
C ILE A 147 -37.03 -11.07 -26.25
N GLY A 148 -38.02 -10.18 -26.24
CA GLY A 148 -39.13 -10.30 -25.31
C GLY A 148 -38.90 -9.46 -24.04
N TYR A 149 -39.95 -9.37 -23.18
CA TYR A 149 -39.94 -8.62 -21.92
C TYR A 149 -39.88 -9.50 -20.69
N PRO A 150 -39.14 -9.05 -19.66
CA PRO A 150 -38.45 -7.79 -19.76
C PRO A 150 -37.11 -8.03 -20.44
N CYS A 151 -36.49 -6.91 -20.80
CA CYS A 151 -35.17 -6.94 -21.44
C CYS A 151 -34.44 -5.69 -20.98
N ILE A 152 -33.14 -5.64 -21.21
CA ILE A 152 -32.32 -4.51 -20.83
C ILE A 152 -31.65 -4.02 -22.09
N VAL A 153 -31.75 -2.72 -22.33
CA VAL A 153 -31.08 -2.16 -23.49
C VAL A 153 -29.89 -1.35 -22.96
N LYS A 154 -28.72 -1.51 -23.62
CA LYS A 154 -27.51 -0.81 -23.22
C LYS A 154 -26.73 -0.35 -24.43
N PRO A 155 -26.11 0.84 -24.34
CA PRO A 155 -25.25 1.31 -25.44
C PRO A 155 -24.04 0.34 -25.54
N VAL A 156 -23.55 0.09 -26.76
CA VAL A 156 -22.40 -0.84 -26.93
C VAL A 156 -21.10 -0.36 -26.29
N MET A 157 -21.02 0.98 -26.14
CA MET A 157 -19.86 1.62 -25.55
C MET A 157 -20.28 2.38 -24.33
N SER A 158 -20.18 1.71 -23.14
CA SER A 158 -20.57 2.22 -21.82
C SER A 158 -20.05 1.45 -20.61
N SER A 159 -20.28 2.04 -19.43
CA SER A 159 -19.88 1.49 -18.14
C SER A 159 -20.67 2.08 -16.98
N SER A 160 -20.47 1.47 -15.83
CA SER A 160 -21.17 1.95 -14.66
C SER A 160 -22.66 2.29 -14.89
N GLY A 161 -23.32 1.40 -15.66
CA GLY A 161 -24.74 1.45 -16.03
C GLY A 161 -25.30 2.74 -16.60
N LYS A 162 -24.51 3.37 -17.45
CA LYS A 162 -24.86 4.62 -18.09
C LYS A 162 -25.69 4.46 -19.39
N GLY A 163 -26.93 5.02 -19.43
CA GLY A 163 -27.80 4.95 -20.60
C GLY A 163 -28.59 3.63 -20.78
N GLN A 164 -28.66 2.82 -19.72
CA GLN A 164 -29.32 1.54 -19.69
C GLN A 164 -30.74 1.62 -19.11
N THR A 165 -31.62 0.79 -19.67
CA THR A 165 -32.98 0.77 -19.21
C THR A 165 -33.49 -0.64 -19.02
N PHE A 166 -34.12 -0.87 -17.88
CA PHE A 166 -34.67 -2.17 -17.67
C PHE A 166 -36.06 -2.08 -18.24
N ILE A 167 -36.27 -2.68 -19.43
CA ILE A 167 -37.55 -2.60 -20.10
C ILE A 167 -38.55 -3.65 -19.73
N ARG A 168 -39.65 -3.20 -19.15
CA ARG A 168 -40.69 -4.13 -18.75
C ARG A 168 -41.83 -4.19 -19.76
N SER A 169 -42.01 -3.12 -20.57
CA SER A 169 -43.07 -3.04 -21.57
C SER A 169 -42.85 -2.02 -22.68
N ALA A 170 -43.69 -2.13 -23.73
CA ALA A 170 -43.56 -1.24 -24.88
C ALA A 170 -43.74 0.23 -24.55
N GLU A 171 -44.31 0.48 -23.39
CA GLU A 171 -44.53 1.83 -22.97
C GLU A 171 -43.20 2.55 -22.98
N GLN A 172 -42.21 1.88 -22.41
CA GLN A 172 -40.86 2.39 -22.28
C GLN A 172 -39.97 2.49 -23.52
N LEU A 173 -40.39 1.87 -24.62
CA LEU A 173 -39.60 1.86 -25.84
C LEU A 173 -39.02 3.18 -26.29
N ALA A 174 -39.89 4.18 -26.41
CA ALA A 174 -39.37 5.47 -26.84
C ALA A 174 -38.28 6.09 -25.97
N GLN A 175 -38.55 6.16 -24.67
CA GLN A 175 -37.63 6.71 -23.70
C GLN A 175 -36.34 5.93 -23.70
N ALA A 176 -36.49 4.62 -23.53
CA ALA A 176 -35.35 3.72 -23.51
C ALA A 176 -34.35 4.04 -24.61
N TRP A 177 -34.85 4.10 -25.83
CA TRP A 177 -34.03 4.37 -26.98
C TRP A 177 -33.36 5.75 -26.92
N LYS A 178 -34.10 6.75 -26.46
CA LYS A 178 -33.54 8.07 -26.33
C LYS A 178 -32.41 7.96 -25.31
N TYR A 179 -32.74 7.60 -24.07
CA TYR A 179 -31.73 7.47 -23.02
C TYR A 179 -30.46 6.74 -23.47
N ALA A 180 -30.67 5.74 -24.32
CA ALA A 180 -29.56 4.94 -24.82
C ALA A 180 -28.69 5.73 -25.77
N GLN A 181 -29.31 6.68 -26.47
CA GLN A 181 -28.56 7.50 -27.41
C GLN A 181 -27.73 8.52 -26.68
N GLN A 182 -28.17 8.78 -25.45
CA GLN A 182 -27.50 9.72 -24.57
C GLN A 182 -26.13 9.17 -24.16
N GLY A 183 -26.06 7.88 -23.74
CA GLY A 183 -24.80 7.24 -23.34
C GLY A 183 -23.94 6.72 -24.54
N GLY A 184 -22.63 7.07 -24.52
CA GLY A 184 -21.62 6.69 -25.53
C GLY A 184 -21.26 7.77 -26.56
N ARG A 185 -20.39 7.33 -27.49
CA ARG A 185 -19.81 8.00 -28.67
C ARG A 185 -20.54 9.25 -29.18
N ALA A 186 -21.82 9.35 -28.76
CA ALA A 186 -22.82 10.36 -29.00
C ALA A 186 -22.53 11.20 -30.24
N GLY A 189 -24.94 5.71 -30.56
CA GLY A 189 -25.42 4.95 -31.71
C GLY A 189 -25.95 3.52 -31.43
N ARG A 190 -25.15 2.50 -31.73
CA ARG A 190 -25.44 1.09 -31.56
C ARG A 190 -25.69 0.63 -30.12
N VAL A 191 -26.70 -0.24 -29.99
CA VAL A 191 -27.12 -0.80 -28.71
C VAL A 191 -27.21 -2.32 -28.69
N ILE A 192 -27.23 -2.85 -27.46
CA ILE A 192 -27.39 -4.27 -27.25
C ILE A 192 -28.71 -4.39 -26.51
N VAL A 193 -29.48 -5.42 -26.88
CA VAL A 193 -30.73 -5.70 -26.22
C VAL A 193 -30.54 -7.09 -25.62
N GLU A 194 -30.51 -7.20 -24.30
CA GLU A 194 -30.31 -8.51 -23.69
C GLU A 194 -31.52 -9.08 -22.95
N GLY A 195 -31.69 -10.37 -23.01
CA GLY A 195 -32.78 -10.96 -22.25
C GLY A 195 -32.39 -10.88 -20.76
N VAL A 196 -33.37 -10.77 -19.87
CA VAL A 196 -33.10 -10.69 -18.44
C VAL A 196 -32.77 -12.03 -17.79
N VAL A 197 -31.59 -12.18 -17.18
CA VAL A 197 -31.23 -13.43 -16.53
C VAL A 197 -31.72 -13.37 -15.08
N LYS A 198 -32.42 -14.43 -14.67
CA LYS A 198 -32.85 -14.45 -13.29
C LYS A 198 -31.86 -15.31 -12.49
N PHE A 199 -30.94 -14.60 -11.87
CA PHE A 199 -29.92 -15.27 -11.09
C PHE A 199 -30.19 -15.17 -9.61
N ASP A 200 -29.59 -16.09 -8.87
CA ASP A 200 -29.74 -16.07 -7.42
C ASP A 200 -28.87 -14.91 -6.93
N PHE A 201 -27.69 -14.80 -7.53
CA PHE A 201 -26.76 -13.74 -7.16
C PHE A 201 -25.74 -13.59 -8.29
N GLU A 202 -25.00 -12.48 -8.27
CA GLU A 202 -23.95 -12.22 -9.23
C GLU A 202 -22.59 -12.15 -8.52
N ILE A 203 -21.54 -12.48 -9.25
CA ILE A 203 -20.20 -12.43 -8.70
C ILE A 203 -19.20 -11.90 -9.67
N THR A 204 -18.08 -11.52 -9.10
CA THR A 204 -16.96 -11.08 -9.89
C THR A 204 -15.88 -12.10 -9.55
N LEU A 205 -15.46 -12.87 -10.55
CA LEU A 205 -14.42 -13.85 -10.31
C LEU A 205 -13.11 -13.27 -10.80
N LEU A 206 -12.28 -12.83 -9.86
CA LEU A 206 -10.99 -12.22 -10.15
C LEU A 206 -10.02 -13.33 -10.52
N THR A 207 -9.66 -13.31 -11.81
CA THR A 207 -8.84 -14.32 -12.44
C THR A 207 -7.52 -13.76 -12.98
N VAL A 208 -6.47 -14.41 -12.51
CA VAL A 208 -5.11 -14.05 -12.88
C VAL A 208 -4.45 -15.01 -13.84
N SER A 209 -4.07 -14.46 -14.99
CA SER A 209 -3.39 -15.20 -16.04
C SER A 209 -1.94 -14.78 -15.84
N ALA A 210 -1.07 -15.73 -15.48
CA ALA A 210 0.35 -15.45 -15.20
C ALA A 210 1.29 -16.49 -15.79
N VAL A 211 2.58 -16.22 -15.64
CA VAL A 211 3.57 -17.11 -16.16
C VAL A 211 3.38 -18.53 -15.61
N ASP A 212 2.88 -18.63 -14.40
CA ASP A 212 2.68 -19.94 -13.80
C ASP A 212 1.24 -20.41 -13.90
N GLY A 213 0.47 -19.90 -14.85
CA GLY A 213 -0.92 -20.34 -15.01
C GLY A 213 -1.99 -19.34 -14.62
N VAL A 214 -3.21 -19.89 -14.57
CA VAL A 214 -4.43 -19.17 -14.24
C VAL A 214 -4.82 -19.43 -12.78
N HIS A 215 -4.91 -18.34 -12.04
CA HIS A 215 -5.27 -18.46 -10.64
C HIS A 215 -6.58 -17.75 -10.39
N PHE A 216 -7.26 -18.19 -9.34
CA PHE A 216 -8.52 -17.57 -9.03
C PHE A 216 -8.62 -17.03 -7.61
N CYS A 217 -9.19 -15.84 -7.45
CA CYS A 217 -9.41 -15.32 -6.10
C CYS A 217 -10.75 -15.93 -5.69
N ALA A 218 -11.01 -16.01 -4.39
CA ALA A 218 -12.29 -16.51 -3.95
C ALA A 218 -13.35 -15.55 -4.56
N PRO A 219 -14.55 -16.12 -4.89
CA PRO A 219 -15.63 -15.37 -5.49
C PRO A 219 -16.04 -14.14 -4.70
N VAL A 220 -16.30 -13.09 -5.47
CA VAL A 220 -16.67 -11.81 -4.88
C VAL A 220 -18.12 -11.53 -5.24
N GLY A 221 -18.96 -11.37 -4.20
CA GLY A 221 -20.34 -11.07 -4.43
C GLY A 221 -20.48 -9.54 -4.40
N HIS A 222 -21.55 -9.00 -5.01
CA HIS A 222 -21.76 -7.56 -5.02
C HIS A 222 -23.20 -7.19 -5.28
N ARG A 223 -23.49 -5.99 -4.81
CA ARG A 223 -24.77 -5.37 -4.90
C ARG A 223 -24.68 -4.11 -5.77
N GLN A 224 -25.49 -4.11 -6.85
CA GLN A 224 -25.55 -3.03 -7.83
C GLN A 224 -26.77 -2.17 -7.59
N GLU A 225 -26.61 -0.88 -7.84
CA GLU A 225 -27.70 0.04 -7.65
C GLU A 225 -27.46 1.22 -8.56
N ASP A 226 -28.29 1.33 -9.57
CA ASP A 226 -28.19 2.43 -10.53
C ASP A 226 -26.85 2.65 -11.25
N GLY A 227 -26.31 1.60 -11.85
CA GLY A 227 -25.05 1.67 -12.59
C GLY A 227 -23.80 1.52 -11.73
N ASP A 228 -23.98 1.57 -10.44
CA ASP A 228 -22.86 1.45 -9.56
C ASP A 228 -22.91 0.34 -8.54
N TYR A 229 -21.76 -0.30 -8.35
CA TYR A 229 -21.69 -1.32 -7.33
C TYR A 229 -21.75 -0.50 -6.04
N ARG A 230 -22.42 -1.05 -5.01
CA ARG A 230 -22.56 -0.37 -3.74
C ARG A 230 -21.79 -1.07 -2.64
N GLU A 231 -21.94 -2.39 -2.62
CA GLU A 231 -21.21 -3.16 -1.63
C GLU A 231 -20.68 -4.38 -2.35
N SER A 232 -19.55 -4.93 -1.87
CA SER A 232 -18.94 -6.15 -2.41
C SER A 232 -18.45 -6.94 -1.20
N TRP A 233 -18.33 -8.25 -1.32
CA TRP A 233 -17.92 -9.05 -0.18
C TRP A 233 -17.25 -10.31 -0.67
N GLN A 234 -16.50 -10.94 0.21
CA GLN A 234 -15.80 -12.16 -0.16
C GLN A 234 -15.50 -12.92 1.15
N PRO A 235 -15.62 -14.25 1.09
CA PRO A 235 -16.05 -14.96 -0.11
C PRO A 235 -17.60 -15.01 -0.24
N GLN A 236 -18.07 -15.13 -1.48
CA GLN A 236 -19.47 -15.31 -1.72
C GLN A 236 -19.66 -16.83 -1.75
N GLN A 237 -20.58 -17.38 -0.94
CA GLN A 237 -20.82 -18.82 -0.97
C GLN A 237 -21.51 -19.25 -2.29
N MET A 238 -20.99 -20.37 -2.82
CA MET A 238 -21.48 -21.00 -4.03
C MET A 238 -21.27 -22.49 -3.91
N SER A 239 -22.08 -23.28 -4.60
CA SER A 239 -21.87 -24.71 -4.54
C SER A 239 -20.58 -25.07 -5.27
N PRO A 240 -20.04 -26.24 -4.94
CA PRO A 240 -18.82 -26.70 -5.55
C PRO A 240 -18.90 -26.75 -7.06
N LEU A 241 -20.05 -27.23 -7.51
CA LEU A 241 -20.30 -27.35 -8.94
C LEU A 241 -20.35 -26.00 -9.64
N ALA A 242 -21.02 -25.04 -8.99
CA ALA A 242 -21.08 -23.70 -9.58
C ALA A 242 -19.67 -23.08 -9.62
N LEU A 243 -18.88 -23.22 -8.54
CA LEU A 243 -17.52 -22.67 -8.51
C LEU A 243 -16.70 -23.30 -9.64
N GLU A 244 -16.77 -24.62 -9.79
CA GLU A 244 -16.03 -25.20 -10.86
C GLU A 244 -16.46 -24.68 -12.25
N ARG A 245 -17.76 -24.54 -12.50
CA ARG A 245 -18.20 -24.05 -13.81
C ARG A 245 -17.80 -22.59 -14.00
N ALA A 246 -17.80 -21.85 -12.90
CA ALA A 246 -17.41 -20.44 -12.99
C ALA A 246 -15.92 -20.32 -13.33
N GLN A 247 -15.13 -21.18 -12.71
CA GLN A 247 -13.71 -21.19 -12.98
C GLN A 247 -13.44 -21.62 -14.42
N GLU A 248 -14.17 -22.63 -14.93
CA GLU A 248 -13.94 -23.05 -16.31
C GLU A 248 -14.25 -21.91 -17.26
N ILE A 249 -15.35 -21.21 -16.97
CA ILE A 249 -15.71 -20.10 -17.84
C ILE A 249 -14.61 -19.01 -17.83
N ALA A 250 -14.23 -18.59 -16.63
CA ALA A 250 -13.25 -17.56 -16.44
C ALA A 250 -11.91 -17.92 -17.12
N ARG A 251 -11.47 -19.16 -16.91
CA ARG A 251 -10.23 -19.64 -17.53
C ARG A 251 -10.30 -19.47 -19.05
N LYS A 252 -11.39 -20.02 -19.63
CA LYS A 252 -11.59 -19.92 -21.07
C LYS A 252 -11.55 -18.49 -21.60
N VAL A 253 -12.24 -17.58 -20.93
CA VAL A 253 -12.29 -16.20 -21.38
C VAL A 253 -10.93 -15.52 -21.29
N VAL A 254 -10.25 -15.63 -20.14
CA VAL A 254 -8.95 -14.97 -20.05
C VAL A 254 -7.96 -15.44 -21.09
N LEU A 255 -7.94 -16.75 -21.28
CA LEU A 255 -7.03 -17.34 -22.26
C LEU A 255 -7.36 -16.88 -23.67
N ALA A 256 -8.67 -16.84 -23.96
CA ALA A 256 -9.10 -16.41 -25.27
C ALA A 256 -8.69 -14.95 -25.48
N LEU A 257 -8.87 -14.11 -24.46
CA LEU A 257 -8.51 -12.70 -24.58
C LEU A 257 -6.98 -12.56 -24.71
N GLY A 258 -6.24 -13.38 -23.99
CA GLY A 258 -4.78 -13.37 -24.07
C GLY A 258 -4.06 -12.33 -23.20
N GLY A 259 -2.82 -12.73 -22.87
CA GLY A 259 -1.84 -11.97 -22.09
C GLY A 259 -1.92 -12.12 -20.57
N TYR A 260 -0.88 -11.68 -19.88
CA TYR A 260 -0.88 -11.77 -18.44
C TYR A 260 -1.48 -10.52 -17.77
N GLY A 261 -2.23 -10.74 -16.69
CA GLY A 261 -2.87 -9.67 -15.93
C GLY A 261 -4.02 -10.29 -15.14
N LEU A 262 -4.68 -9.44 -14.36
CA LEU A 262 -5.83 -9.87 -13.58
C LEU A 262 -7.05 -9.39 -14.35
N PHE A 263 -8.06 -10.24 -14.41
CA PHE A 263 -9.28 -9.92 -15.11
C PHE A 263 -10.44 -10.09 -14.16
N GLY A 264 -11.45 -9.24 -14.38
CA GLY A 264 -12.64 -9.29 -13.54
C GLY A 264 -13.78 -9.92 -14.34
N VAL A 265 -13.97 -11.23 -14.16
CA VAL A 265 -15.00 -11.98 -14.87
C VAL A 265 -16.36 -11.86 -14.15
N GLU A 266 -17.31 -11.18 -14.80
CA GLU A 266 -18.67 -10.96 -14.27
C GLU A 266 -19.55 -12.11 -14.69
N LEU A 267 -20.09 -12.75 -13.64
CA LEU A 267 -20.94 -13.92 -13.76
C LEU A 267 -22.22 -13.85 -12.93
N PHE A 268 -23.26 -14.54 -13.47
CA PHE A 268 -24.58 -14.66 -12.85
C PHE A 268 -24.67 -16.11 -12.44
N VAL A 269 -25.05 -16.32 -11.18
CA VAL A 269 -25.18 -17.65 -10.64
C VAL A 269 -26.63 -18.00 -10.36
N CYS A 270 -27.00 -19.15 -10.89
CA CYS A 270 -28.36 -19.72 -10.77
C CYS A 270 -28.23 -21.14 -10.18
N GLY A 271 -28.16 -21.22 -8.85
CA GLY A 271 -28.00 -22.47 -8.11
C GLY A 271 -26.67 -23.02 -8.54
N ASP A 272 -26.65 -24.15 -9.29
CA ASP A 272 -25.40 -24.73 -9.77
C ASP A 272 -25.00 -24.27 -11.15
N GLU A 273 -25.81 -23.43 -11.80
CA GLU A 273 -25.49 -22.94 -13.13
C GLU A 273 -24.87 -21.53 -13.14
N VAL A 274 -23.95 -21.31 -14.08
CA VAL A 274 -23.26 -20.03 -14.18
C VAL A 274 -23.42 -19.43 -15.57
N ILE A 275 -23.69 -18.13 -15.66
CA ILE A 275 -23.85 -17.48 -16.96
C ILE A 275 -22.88 -16.32 -17.07
N PHE A 276 -22.21 -16.23 -18.22
CA PHE A 276 -21.23 -15.19 -18.46
C PHE A 276 -21.91 -13.87 -18.80
N SER A 277 -21.45 -12.78 -18.20
CA SER A 277 -22.01 -11.45 -18.45
C SER A 277 -21.02 -10.60 -19.23
N GLU A 278 -19.87 -10.30 -18.62
CA GLU A 278 -18.85 -9.49 -19.25
C GLU A 278 -17.53 -9.69 -18.51
N VAL A 279 -16.47 -9.00 -18.94
CA VAL A 279 -15.17 -9.13 -18.28
C VAL A 279 -14.31 -7.88 -18.41
N SER A 280 -13.67 -7.48 -17.28
CA SER A 280 -12.77 -6.30 -17.32
C SER A 280 -11.37 -6.90 -17.52
N PRO A 281 -10.62 -6.51 -18.57
CA PRO A 281 -9.27 -7.09 -18.77
C PRO A 281 -8.31 -6.31 -17.90
N ARG A 282 -8.66 -6.25 -16.62
CA ARG A 282 -7.91 -5.52 -15.66
C ARG A 282 -8.69 -5.55 -14.36
N PRO A 283 -8.09 -4.98 -13.28
CA PRO A 283 -8.77 -4.92 -11.97
C PRO A 283 -10.15 -4.29 -12.10
N HIS A 284 -11.07 -4.82 -11.30
CA HIS A 284 -12.49 -4.47 -11.19
C HIS A 284 -12.85 -3.73 -9.90
N ASP A 285 -13.72 -2.72 -9.98
CA ASP A 285 -14.06 -1.96 -8.79
C ASP A 285 -14.55 -2.82 -7.64
N THR A 286 -15.39 -3.83 -7.93
CA THR A 286 -15.91 -4.69 -6.87
C THR A 286 -14.77 -5.41 -6.13
N GLY A 287 -13.64 -5.57 -6.81
CA GLY A 287 -12.45 -6.22 -6.26
C GLY A 287 -11.70 -5.39 -5.20
N MET A 288 -12.15 -4.17 -4.96
CA MET A 288 -11.50 -3.37 -3.94
C MET A 288 -11.59 -4.06 -2.58
N VAL A 289 -12.51 -5.03 -2.43
CA VAL A 289 -12.62 -5.73 -1.14
C VAL A 289 -11.28 -6.42 -0.81
N THR A 290 -10.58 -6.81 -1.87
CA THR A 290 -9.26 -7.50 -1.72
C THR A 290 -8.16 -6.64 -1.10
N LEU A 291 -8.46 -5.33 -0.94
CA LEU A 291 -7.53 -4.40 -0.32
C LEU A 291 -7.41 -4.76 1.16
N ILE A 292 -8.40 -5.50 1.69
CA ILE A 292 -8.38 -5.88 3.10
C ILE A 292 -8.45 -7.39 3.26
N SER A 293 -9.05 -8.07 2.27
CA SER A 293 -9.32 -9.50 2.35
C SER A 293 -8.29 -10.55 1.92
N GLN A 294 -7.23 -10.09 1.24
CA GLN A 294 -6.15 -10.95 0.74
C GLN A 294 -4.76 -10.42 1.07
N ASP A 295 -3.75 -11.32 1.03
CA ASP A 295 -2.37 -10.96 1.27
C ASP A 295 -1.99 -10.07 0.09
N LEU A 296 -2.43 -10.47 -1.13
CA LEU A 296 -2.16 -9.70 -2.36
C LEU A 296 -3.46 -9.13 -2.91
N SER A 297 -3.56 -7.80 -2.95
CA SER A 297 -4.79 -7.19 -3.47
C SER A 297 -4.90 -7.49 -4.97
N GLU A 298 -6.06 -7.23 -5.57
CA GLU A 298 -6.21 -7.49 -7.02
C GLU A 298 -5.21 -6.63 -7.81
N PHE A 299 -4.83 -5.48 -7.22
CA PHE A 299 -3.85 -4.59 -7.85
C PHE A 299 -2.42 -5.18 -7.81
N ALA A 300 -2.02 -5.73 -6.64
CA ALA A 300 -0.73 -6.34 -6.45
C ALA A 300 -0.63 -7.53 -7.42
N LEU A 301 -1.76 -8.23 -7.55
CA LEU A 301 -1.81 -9.39 -8.42
C LEU A 301 -1.66 -9.04 -9.92
N HIS A 302 -2.32 -7.95 -10.33
CA HIS A 302 -2.25 -7.52 -11.71
C HIS A 302 -0.80 -7.21 -12.07
N VAL A 303 -0.17 -6.43 -11.18
CA VAL A 303 1.24 -6.02 -11.34
C VAL A 303 2.18 -7.22 -11.38
N ARG A 304 2.02 -8.12 -10.41
CA ARG A 304 2.85 -9.32 -10.36
C ARG A 304 2.73 -10.07 -11.68
N ALA A 305 1.48 -10.28 -12.15
CA ALA A 305 1.21 -11.01 -13.39
C ALA A 305 1.78 -10.33 -14.64
N PHE A 306 1.46 -9.06 -14.84
CA PHE A 306 1.96 -8.39 -16.04
C PHE A 306 3.49 -8.24 -16.13
N LEU A 307 4.19 -8.21 -14.96
CA LEU A 307 5.66 -8.11 -14.92
C LEU A 307 6.30 -9.46 -15.27
N GLY A 308 5.46 -10.49 -15.41
CA GLY A 308 5.94 -11.81 -15.79
C GLY A 308 6.40 -12.69 -14.64
N LEU A 309 6.02 -12.28 -13.43
CA LEU A 309 6.36 -12.98 -12.21
C LEU A 309 5.29 -14.04 -11.90
N PRO A 310 5.67 -15.14 -11.22
CA PRO A 310 4.66 -16.14 -10.91
C PRO A 310 3.80 -15.70 -9.72
N VAL A 311 2.51 -16.07 -9.79
CA VAL A 311 1.65 -15.73 -8.69
C VAL A 311 1.90 -16.62 -7.46
N GLY A 312 2.03 -17.92 -7.74
CA GLY A 312 2.25 -18.85 -6.66
C GLY A 312 0.93 -19.17 -5.98
N GLY A 313 0.34 -18.20 -5.30
CA GLY A 313 -0.93 -18.46 -4.65
C GLY A 313 -1.44 -17.18 -4.00
N ILE A 314 -2.73 -17.23 -3.64
CA ILE A 314 -3.43 -16.12 -3.03
C ILE A 314 -4.04 -16.47 -1.70
N ARG A 315 -3.74 -15.69 -0.68
CA ARG A 315 -4.30 -15.92 0.65
C ARG A 315 -5.52 -15.03 0.90
N GLN A 316 -6.59 -15.66 1.40
CA GLN A 316 -7.88 -15.04 1.73
C GLN A 316 -8.00 -15.12 3.25
N TYR A 317 -8.12 -13.96 3.87
CA TYR A 317 -8.15 -13.85 5.33
C TYR A 317 -9.45 -14.07 6.08
N GLY A 318 -10.55 -14.39 5.38
CA GLY A 318 -11.83 -14.59 6.03
C GLY A 318 -12.84 -13.57 5.49
N PRO A 319 -14.04 -13.64 6.03
CA PRO A 319 -15.11 -12.77 5.60
C PRO A 319 -14.76 -11.28 5.61
N ALA A 320 -15.04 -10.65 4.48
CA ALA A 320 -14.80 -9.22 4.31
C ALA A 320 -15.74 -8.56 3.31
N ALA A 321 -15.80 -7.22 3.41
CA ALA A 321 -16.65 -6.48 2.49
C ALA A 321 -16.11 -5.10 2.26
N SER A 322 -16.61 -4.49 1.20
CA SER A 322 -16.30 -3.13 0.84
C SER A 322 -17.66 -2.42 0.68
N ALA A 323 -17.70 -1.11 0.91
CA ALA A 323 -18.93 -0.33 0.75
C ALA A 323 -18.51 1.02 0.23
N VAL A 324 -19.05 1.46 -0.90
CA VAL A 324 -18.63 2.75 -1.43
C VAL A 324 -19.08 3.98 -0.64
N ILE A 325 -18.28 5.04 -0.83
CA ILE A 325 -18.49 6.38 -0.31
C ILE A 325 -18.83 7.10 -1.59
N LEU A 326 -20.15 7.24 -1.82
CA LEU A 326 -20.64 7.83 -3.06
C LEU A 326 -21.58 8.98 -2.78
N PRO A 327 -21.00 10.15 -2.50
CA PRO A 327 -21.81 11.31 -2.21
C PRO A 327 -22.35 11.96 -3.47
N GLN A 328 -23.17 12.97 -3.20
CA GLN A 328 -23.74 13.71 -4.29
C GLN A 328 -23.67 15.19 -3.99
N LEU A 329 -22.84 15.89 -4.74
CA LEU A 329 -22.69 17.31 -4.54
C LEU A 329 -21.85 17.86 -5.66
N THR A 330 -21.62 19.16 -5.62
CA THR A 330 -20.81 19.85 -6.62
C THR A 330 -19.80 20.65 -5.83
N SER A 331 -18.54 20.30 -6.02
CA SER A 331 -17.49 20.97 -5.25
C SER A 331 -16.14 20.67 -5.87
N GLN A 332 -15.20 21.55 -5.58
CA GLN A 332 -13.84 21.42 -6.07
C GLN A 332 -12.93 21.47 -4.85
N ASN A 333 -13.54 21.19 -3.68
CA ASN A 333 -12.77 21.24 -2.45
C ASN A 333 -13.51 20.44 -1.38
N VAL A 334 -13.68 19.17 -1.68
CA VAL A 334 -14.36 18.22 -0.82
C VAL A 334 -13.56 17.87 0.46
N THR A 335 -14.27 17.80 1.59
CA THR A 335 -13.66 17.45 2.86
C THR A 335 -14.45 16.30 3.46
N PHE A 336 -13.79 15.53 4.33
CA PHE A 336 -14.38 14.38 4.95
C PHE A 336 -14.26 14.47 6.45
N ASP A 337 -15.40 14.58 7.13
CA ASP A 337 -15.38 14.68 8.60
C ASP A 337 -15.90 13.42 9.28
N ASN A 338 -15.76 13.38 10.62
CA ASN A 338 -16.26 12.23 11.35
C ASN A 338 -15.49 10.95 11.04
N VAL A 339 -14.27 11.13 10.52
CA VAL A 339 -13.40 10.01 10.17
C VAL A 339 -13.09 9.08 11.36
N GLN A 340 -13.05 9.68 12.56
CA GLN A 340 -12.78 8.91 13.78
C GLN A 340 -13.85 7.86 14.05
N ASN A 341 -14.98 8.00 13.33
CA ASN A 341 -16.07 7.06 13.48
C ASN A 341 -16.26 6.13 12.29
N ALA A 342 -15.31 6.17 11.34
CA ALA A 342 -15.36 5.31 10.15
C ALA A 342 -14.21 4.30 10.05
N VAL A 343 -13.32 4.28 11.04
CA VAL A 343 -12.18 3.37 11.09
C VAL A 343 -12.12 2.82 12.51
N GLY A 344 -11.46 1.69 12.68
CA GLY A 344 -11.33 1.13 14.03
C GLY A 344 -11.02 -0.34 13.91
N ALA A 345 -11.40 -1.14 14.91
CA ALA A 345 -11.07 -2.55 14.81
C ALA A 345 -11.71 -3.18 13.58
N ASP A 346 -10.88 -3.83 12.75
CA ASP A 346 -11.28 -4.54 11.54
C ASP A 346 -12.07 -3.66 10.63
N LEU A 347 -11.69 -2.38 10.63
CA LEU A 347 -12.38 -1.35 9.86
C LEU A 347 -11.44 -0.26 9.37
N GLN A 348 -11.47 -0.05 8.03
CA GLN A 348 -10.64 0.90 7.32
C GLN A 348 -11.40 1.65 6.25
N ILE A 349 -10.78 2.71 5.79
CA ILE A 349 -11.35 3.48 4.71
C ILE A 349 -10.23 3.89 3.75
N ARG A 350 -10.60 4.30 2.53
CA ARG A 350 -9.68 4.81 1.50
C ARG A 350 -10.38 6.05 0.96
N LEU A 351 -9.65 7.15 0.76
CA LEU A 351 -10.15 8.42 0.20
C LEU A 351 -9.27 8.63 -1.02
N PHE A 352 -9.91 8.63 -2.17
CA PHE A 352 -9.22 8.69 -3.43
C PHE A 352 -8.42 9.88 -3.89
N GLY A 353 -8.65 11.06 -3.33
CA GLY A 353 -7.91 12.23 -3.79
C GLY A 353 -8.53 12.88 -5.06
N LYS A 354 -9.79 12.53 -5.45
CA LYS A 354 -10.45 13.10 -6.65
C LYS A 354 -10.61 14.59 -6.45
N PRO A 355 -10.15 15.34 -7.46
CA PRO A 355 -10.16 16.79 -7.40
C PRO A 355 -11.53 17.47 -7.33
N GLU A 356 -12.56 16.87 -7.92
CA GLU A 356 -13.84 17.54 -7.84
C GLU A 356 -15.04 16.63 -8.08
N ILE A 357 -16.23 17.15 -7.82
CA ILE A 357 -17.40 16.33 -8.04
C ILE A 357 -18.48 17.24 -8.53
N ASP A 358 -19.38 16.69 -9.30
CA ASP A 358 -20.46 17.51 -9.80
C ASP A 358 -21.61 16.54 -10.04
N GLY A 359 -22.18 16.10 -8.93
CA GLY A 359 -23.26 15.15 -8.86
C GLY A 359 -22.82 14.00 -7.96
N SER A 360 -23.08 12.78 -8.42
CA SER A 360 -22.74 11.52 -7.75
C SER A 360 -21.41 10.98 -8.33
N ARG A 361 -20.43 10.72 -7.46
CA ARG A 361 -19.12 10.23 -7.87
C ARG A 361 -18.59 9.41 -6.66
N ARG A 362 -17.91 8.30 -6.91
CA ARG A 362 -17.38 7.50 -5.82
C ARG A 362 -16.12 8.20 -5.37
N LEU A 363 -16.13 8.70 -4.15
CA LEU A 363 -14.97 9.40 -3.63
C LEU A 363 -14.04 8.59 -2.68
N GLY A 364 -14.50 7.41 -2.28
CA GLY A 364 -13.70 6.58 -1.38
C GLY A 364 -14.44 5.26 -1.17
N VAL A 365 -13.91 4.47 -0.24
CA VAL A 365 -14.51 3.21 0.06
C VAL A 365 -14.17 2.80 1.50
N ALA A 366 -15.12 2.14 2.17
CA ALA A 366 -14.96 1.64 3.53
C ALA A 366 -14.72 0.14 3.35
N LEU A 367 -13.89 -0.43 4.20
CA LEU A 367 -13.54 -1.85 4.13
C LEU A 367 -13.61 -2.45 5.54
N ALA A 368 -14.12 -3.68 5.65
CA ALA A 368 -14.21 -4.32 6.96
C ALA A 368 -14.09 -5.85 6.88
N THR A 369 -13.72 -6.44 8.02
CA THR A 369 -13.65 -7.91 8.11
C THR A 369 -14.51 -8.28 9.30
N ALA A 370 -14.99 -9.51 9.33
CA ALA A 370 -15.86 -9.98 10.43
C ALA A 370 -15.96 -11.48 10.40
N GLU A 371 -16.82 -12.02 11.26
CA GLU A 371 -16.93 -13.47 11.26
C GLU A 371 -17.85 -14.02 10.20
N SER A 372 -18.55 -13.12 9.51
CA SER A 372 -19.46 -13.50 8.43
C SER A 372 -19.54 -12.35 7.42
N VAL A 373 -19.84 -12.70 6.15
CA VAL A 373 -19.98 -11.66 5.13
C VAL A 373 -21.10 -10.69 5.52
N VAL A 374 -22.18 -11.21 6.13
CA VAL A 374 -23.26 -10.36 6.58
C VAL A 374 -22.78 -9.31 7.57
N ASP A 375 -22.06 -9.75 8.62
CA ASP A 375 -21.57 -8.78 9.56
C ASP A 375 -20.57 -7.81 8.90
N ALA A 376 -19.67 -8.32 8.02
CA ALA A 376 -18.70 -7.41 7.38
C ALA A 376 -19.35 -6.29 6.55
N ILE A 377 -20.40 -6.71 5.84
CA ILE A 377 -21.17 -5.79 5.00
C ILE A 377 -21.79 -4.69 5.85
N GLU A 378 -22.42 -5.11 6.94
CA GLU A 378 -23.00 -4.11 7.79
C GLU A 378 -21.98 -3.12 8.31
N ARG A 379 -20.85 -3.68 8.79
CA ARG A 379 -19.80 -2.86 9.35
C ARG A 379 -19.27 -1.84 8.33
N ALA A 380 -19.01 -2.35 7.11
CA ALA A 380 -18.48 -1.50 6.04
C ALA A 380 -19.51 -0.43 5.64
N LYS A 381 -20.81 -0.79 5.52
CA LYS A 381 -21.82 0.21 5.13
C LYS A 381 -21.96 1.26 6.17
N HIS A 382 -21.97 0.80 7.40
CA HIS A 382 -22.07 1.74 8.50
C HIS A 382 -20.94 2.74 8.48
N ALA A 383 -19.72 2.25 8.31
CA ALA A 383 -18.54 3.10 8.27
C ALA A 383 -18.61 4.14 7.12
N ALA A 384 -18.95 3.69 5.90
CA ALA A 384 -19.05 4.56 4.73
C ALA A 384 -20.01 5.69 5.06
N GLY A 385 -21.08 5.29 5.73
CA GLY A 385 -22.15 6.20 6.15
C GLY A 385 -21.75 7.23 7.20
N GLN A 386 -20.81 6.88 8.08
CA GLN A 386 -20.35 7.78 9.12
C GLN A 386 -19.57 8.97 8.59
N VAL A 387 -18.95 8.78 7.42
CA VAL A 387 -18.17 9.84 6.80
C VAL A 387 -19.07 11.00 6.37
N LYS A 388 -18.73 12.19 6.88
CA LYS A 388 -19.44 13.41 6.62
C LYS A 388 -18.77 14.16 5.47
N VAL A 389 -19.34 13.98 4.28
CA VAL A 389 -18.78 14.59 3.11
C VAL A 389 -19.32 16.00 2.89
N GLN A 390 -18.44 16.96 2.89
CA GLN A 390 -18.89 18.32 2.65
C GLN A 390 -18.05 18.94 1.57
N GLY A 391 -18.52 20.04 1.00
CA GLY A 391 -17.69 20.63 -0.06
C GLY A 391 -18.12 22.03 -0.43
N THR B 1 -12.15 14.03 13.56
CA THR B 1 -11.12 14.07 12.53
C THR B 1 -11.66 14.44 11.16
N LEU B 2 -11.18 15.58 10.67
CA LEU B 2 -11.58 16.11 9.36
C LEU B 2 -10.39 16.10 8.39
N LEU B 3 -10.57 15.41 7.26
CA LEU B 3 -9.54 15.34 6.25
C LEU B 3 -9.97 16.08 4.99
N GLY B 4 -9.07 16.85 4.42
CA GLY B 4 -9.39 17.53 3.19
C GLY B 4 -9.02 16.61 2.01
N THR B 5 -8.98 17.15 0.79
CA THR B 5 -8.61 16.37 -0.40
C THR B 5 -7.23 16.88 -0.85
N ALA B 6 -6.22 15.97 -0.96
CA ALA B 6 -4.86 16.33 -1.38
C ALA B 6 -4.88 17.21 -2.61
N LEU B 7 -4.06 18.25 -2.60
CA LEU B 7 -3.97 19.16 -3.74
C LEU B 7 -5.06 20.22 -3.81
N ARG B 8 -6.06 20.10 -2.94
CA ARG B 8 -7.15 21.08 -2.90
C ARG B 8 -6.89 22.06 -1.78
N PRO B 9 -7.56 23.21 -1.81
CA PRO B 9 -7.35 24.20 -0.80
C PRO B 9 -7.50 23.69 0.62
N ALA B 10 -8.48 22.84 0.85
CA ALA B 10 -8.62 22.37 2.20
C ALA B 10 -7.81 21.11 2.47
N ALA B 11 -6.86 20.80 1.59
CA ALA B 11 -6.10 19.57 1.84
C ALA B 11 -5.44 19.47 3.22
N THR B 12 -5.30 18.24 3.72
CA THR B 12 -4.60 17.93 4.98
C THR B 12 -3.16 17.62 4.52
N ARG B 13 -2.18 18.34 5.06
CA ARG B 13 -0.77 18.20 4.69
C ARG B 13 0.15 17.59 5.74
N VAL B 14 0.87 16.56 5.29
CA VAL B 14 1.85 15.84 6.08
C VAL B 14 3.22 16.09 5.47
N MET B 15 4.18 16.51 6.31
CA MET B 15 5.54 16.74 5.89
C MET B 15 6.40 15.62 6.50
N LEU B 16 7.06 14.88 5.60
CA LEU B 16 7.95 13.78 6.02
C LEU B 16 9.38 14.32 6.10
N LEU B 17 10.02 14.22 7.28
CA LEU B 17 11.42 14.65 7.50
C LEU B 17 12.19 13.37 7.59
N GLY B 18 12.65 12.98 6.38
CA GLY B 18 13.37 11.73 6.15
C GLY B 18 12.47 10.93 5.21
N SER B 19 13.00 10.57 4.05
CA SER B 19 12.32 9.86 2.96
C SER B 19 12.82 8.48 2.56
N GLY B 20 13.23 7.70 3.56
CA GLY B 20 13.71 6.36 3.35
C GLY B 20 12.51 5.46 3.11
N GLU B 21 12.82 4.16 3.12
CA GLU B 21 11.87 3.09 2.89
C GLU B 21 10.76 3.06 3.93
N LEU B 22 11.06 3.55 5.13
CA LEU B 22 10.05 3.56 6.18
C LEU B 22 9.07 4.69 5.88
N GLY B 23 9.66 5.85 5.58
CA GLY B 23 8.91 7.03 5.23
C GLY B 23 8.12 6.72 3.97
N LYS B 24 8.70 5.91 3.06
CA LYS B 24 8.00 5.55 1.83
C LYS B 24 6.62 4.89 2.08
N GLU B 25 6.55 3.97 3.07
CA GLU B 25 5.31 3.31 3.44
C GLU B 25 4.38 4.29 4.15
N VAL B 26 4.94 5.18 4.97
CA VAL B 26 4.03 6.13 5.62
C VAL B 26 3.36 6.99 4.52
N ALA B 27 4.15 7.39 3.51
CA ALA B 27 3.67 8.19 2.41
C ALA B 27 2.54 7.46 1.72
N ILE B 28 2.75 6.15 1.51
CA ILE B 28 1.70 5.37 0.88
C ILE B 28 0.38 5.40 1.67
N GLU B 29 0.48 5.21 2.99
CA GLU B 29 -0.67 5.17 3.88
C GLU B 29 -1.36 6.51 3.93
N CYS B 30 -0.60 7.58 3.81
CA CYS B 30 -1.20 8.91 3.79
C CYS B 30 -1.99 9.07 2.47
N GLN B 31 -1.35 8.66 1.35
CA GLN B 31 -1.91 8.74 0.02
C GLN B 31 -3.24 8.02 -0.07
N ARG B 32 -3.31 6.86 0.62
CA ARG B 32 -4.50 6.05 0.67
C ARG B 32 -5.72 6.75 1.31
N LEU B 33 -5.46 7.78 2.11
CA LEU B 33 -6.47 8.58 2.78
C LEU B 33 -6.57 9.93 2.09
N GLY B 34 -5.97 10.04 0.90
CA GLY B 34 -6.00 11.27 0.14
C GLY B 34 -5.36 12.44 0.85
N VAL B 35 -4.37 12.12 1.72
CA VAL B 35 -3.60 13.11 2.47
C VAL B 35 -2.45 13.62 1.58
N GLU B 36 -2.23 14.95 1.60
CA GLU B 36 -1.18 15.58 0.80
C GLU B 36 0.18 15.31 1.47
N VAL B 37 1.12 14.77 0.67
CA VAL B 37 2.42 14.43 1.17
C VAL B 37 3.56 15.21 0.54
N ILE B 38 4.33 15.81 1.46
CA ILE B 38 5.53 16.56 1.07
C ILE B 38 6.70 15.82 1.70
N ALA B 39 7.52 15.19 0.84
CA ALA B 39 8.67 14.39 1.29
C ALA B 39 10.00 15.19 1.28
N VAL B 40 10.63 15.28 2.44
CA VAL B 40 11.90 15.99 2.61
C VAL B 40 13.06 15.05 2.95
N ASP B 41 14.26 15.34 2.42
CA ASP B 41 15.45 14.54 2.71
C ASP B 41 16.67 15.34 2.29
N ARG B 42 17.84 14.78 2.57
CA ARG B 42 19.09 15.44 2.24
C ARG B 42 19.64 15.13 0.84
N TYR B 43 18.92 14.29 0.09
CA TYR B 43 19.31 13.89 -1.26
C TYR B 43 18.06 13.70 -2.14
N ALA B 44 18.24 13.86 -3.45
CA ALA B 44 17.17 13.74 -4.42
C ALA B 44 16.76 12.32 -4.68
N ASP B 45 15.48 12.18 -5.00
CA ASP B 45 14.92 10.90 -5.34
C ASP B 45 14.94 9.84 -4.25
N ALA B 46 14.87 10.29 -2.99
CA ALA B 46 14.82 9.39 -1.85
C ALA B 46 13.51 8.55 -2.04
N PRO B 47 13.49 7.31 -1.60
CA PRO B 47 12.32 6.48 -1.76
C PRO B 47 10.94 7.13 -1.50
N ALA B 48 10.70 7.74 -0.35
CA ALA B 48 9.41 8.36 -0.05
C ALA B 48 9.05 9.47 -1.05
N MET B 49 10.05 10.09 -1.64
CA MET B 49 9.76 11.14 -2.61
C MET B 49 9.12 10.58 -3.88
N HIS B 50 9.33 9.28 -4.17
CA HIS B 50 8.77 8.70 -5.37
C HIS B 50 7.26 8.67 -5.37
N VAL B 51 6.74 8.52 -4.15
CA VAL B 51 5.31 8.44 -3.87
C VAL B 51 4.66 9.65 -3.21
N ALA B 52 5.38 10.75 -3.04
CA ALA B 52 4.86 11.96 -2.44
C ALA B 52 4.31 12.88 -3.52
N HIS B 53 3.54 13.91 -3.13
CA HIS B 53 2.99 14.85 -4.10
C HIS B 53 4.13 15.73 -4.62
N ARG B 54 5.02 16.08 -3.68
CA ARG B 54 6.18 16.90 -4.00
C ARG B 54 7.24 16.72 -2.91
N SER B 55 8.44 17.22 -3.20
CA SER B 55 9.52 17.08 -2.24
C SER B 55 10.56 18.18 -2.26
N HIS B 56 11.36 18.17 -1.20
CA HIS B 56 12.42 19.10 -1.05
C HIS B 56 13.65 18.40 -0.55
N VAL B 57 14.82 18.90 -0.98
CA VAL B 57 16.13 18.40 -0.56
C VAL B 57 16.74 19.52 0.29
N ILE B 58 17.03 19.26 1.55
CA ILE B 58 17.60 20.27 2.40
C ILE B 58 18.45 19.61 3.45
N ASN B 59 19.22 20.44 4.18
CA ASN B 59 20.00 19.92 5.28
C ASN B 59 19.07 20.01 6.48
N MET B 60 18.51 18.86 6.87
CA MET B 60 17.57 18.79 7.99
C MET B 60 18.19 19.09 9.36
N LEU B 61 19.52 19.16 9.33
CA LEU B 61 20.29 19.45 10.52
C LEU B 61 20.36 20.93 10.70
N ASP B 62 20.06 21.61 9.60
CA ASP B 62 20.04 23.04 9.61
C ASP B 62 18.63 23.56 9.97
N GLY B 63 18.45 24.00 11.23
CA GLY B 63 17.18 24.54 11.70
C GLY B 63 16.64 25.67 10.86
N ASP B 64 17.48 26.56 10.34
CA ASP B 64 16.92 27.62 9.52
C ASP B 64 16.31 27.08 8.24
N ALA B 65 16.96 26.05 7.71
CA ALA B 65 16.46 25.43 6.50
C ALA B 65 15.13 24.75 6.82
N LEU B 66 15.09 24.06 7.98
CA LEU B 66 13.87 23.36 8.39
C LEU B 66 12.70 24.33 8.43
N ARG B 67 12.92 25.41 9.17
CA ARG B 67 11.94 26.44 9.34
C ARG B 67 11.46 26.96 8.01
N ARG B 68 12.38 27.17 7.10
CA ARG B 68 11.99 27.67 5.79
C ARG B 68 11.06 26.77 4.99
N VAL B 69 11.35 25.46 4.98
CA VAL B 69 10.52 24.52 4.23
C VAL B 69 9.16 24.35 4.89
N VAL B 70 9.20 24.31 6.21
CA VAL B 70 7.97 24.16 6.93
C VAL B 70 7.10 25.35 6.66
N GLU B 71 7.74 26.51 6.80
CA GLU B 71 6.97 27.69 6.59
C GLU B 71 6.45 27.75 5.18
N LEU B 72 7.27 27.26 4.31
CA LEU B 72 6.82 27.29 2.95
C LEU B 72 5.61 26.42 2.67
N GLU B 73 5.63 25.21 3.21
CA GLU B 73 4.58 24.23 3.03
C GLU B 73 3.45 24.24 4.05
N LYS B 74 3.66 24.83 5.21
CA LYS B 74 2.56 24.84 6.15
C LYS B 74 1.90 23.47 6.33
N PRO B 75 2.66 22.54 6.81
CA PRO B 75 2.05 21.24 6.99
C PRO B 75 1.23 21.21 8.28
N HIS B 76 0.31 20.26 8.36
CA HIS B 76 -0.52 20.06 9.54
C HIS B 76 0.19 19.08 10.48
N TYR B 77 1.10 18.30 9.89
CA TYR B 77 1.87 17.29 10.61
C TYR B 77 3.29 17.22 10.11
N ILE B 78 4.23 17.11 11.06
CA ILE B 78 5.65 17.00 10.73
C ILE B 78 6.01 15.64 11.26
N VAL B 79 6.43 14.79 10.33
CA VAL B 79 6.75 13.42 10.69
C VAL B 79 8.19 13.08 10.37
N PRO B 80 9.02 13.00 11.42
CA PRO B 80 10.43 12.66 11.23
C PRO B 80 10.60 11.15 11.10
N GLU B 81 11.53 10.75 10.22
CA GLU B 81 11.83 9.34 9.94
C GLU B 81 13.10 8.90 10.69
N ILE B 82 13.94 9.89 10.98
CA ILE B 82 15.23 9.65 11.62
C ILE B 82 15.52 10.57 12.77
N GLU B 83 16.61 10.27 13.46
CA GLU B 83 17.10 11.00 14.62
C GLU B 83 17.76 12.30 14.24
N ALA B 84 18.49 12.24 13.14
CA ALA B 84 19.27 13.33 12.59
C ALA B 84 18.59 14.56 12.05
N ILE B 85 17.91 15.23 12.95
CA ILE B 85 17.23 16.43 12.53
C ILE B 85 17.45 17.48 13.60
N ALA B 86 17.27 18.72 13.21
CA ALA B 86 17.40 19.85 14.11
C ALA B 86 16.17 19.89 15.05
N THR B 87 16.16 19.00 16.03
CA THR B 87 15.08 18.86 16.97
C THR B 87 14.79 20.14 17.75
N ASP B 88 15.79 21.01 17.89
CA ASP B 88 15.58 22.23 18.64
C ASP B 88 14.60 23.11 17.91
N MET B 89 14.72 23.07 16.59
CA MET B 89 13.82 23.83 15.77
C MET B 89 12.42 23.20 15.78
N LEU B 90 12.35 21.88 15.97
CA LEU B 90 11.07 21.20 16.03
C LEU B 90 10.35 21.73 17.26
N ILE B 91 11.08 21.77 18.37
CA ILE B 91 10.53 22.27 19.62
C ILE B 91 9.95 23.65 19.40
N GLN B 92 10.71 24.49 18.72
CA GLN B 92 10.27 25.84 18.43
C GLN B 92 8.99 25.85 17.63
N LEU B 93 9.06 25.16 16.50
CA LEU B 93 7.90 25.09 15.63
C LEU B 93 6.68 24.56 16.37
N GLU B 94 6.89 23.55 17.22
CA GLU B 94 5.78 22.98 17.98
C GLU B 94 5.21 24.07 18.88
N GLU B 95 6.13 24.79 19.54
CA GLU B 95 5.84 25.90 20.43
C GLU B 95 5.07 26.97 19.65
N GLU B 96 5.33 27.02 18.36
CA GLU B 96 4.65 27.98 17.52
C GLU B 96 3.36 27.48 16.92
N GLY B 97 2.98 26.24 17.22
CA GLY B 97 1.73 25.70 16.69
C GLY B 97 1.82 24.51 15.73
N LEU B 98 3.03 24.02 15.44
CA LEU B 98 3.07 22.88 14.55
C LEU B 98 2.86 21.57 15.26
N ASN B 99 2.29 20.63 14.54
CA ASN B 99 2.08 19.34 15.13
C ASN B 99 3.24 18.46 14.70
N VAL B 100 4.10 18.13 15.67
CA VAL B 100 5.25 17.29 15.44
C VAL B 100 4.87 15.91 15.94
N VAL B 101 5.03 14.90 15.10
CA VAL B 101 4.66 13.54 15.49
C VAL B 101 5.79 12.74 16.10
N PRO B 102 5.64 12.16 17.30
CA PRO B 102 4.46 12.15 18.16
C PRO B 102 4.33 13.41 19.01
N CYS B 103 5.47 14.03 19.27
CA CYS B 103 5.64 15.28 19.99
C CYS B 103 7.10 15.65 19.86
N ALA B 104 7.40 16.92 19.94
CA ALA B 104 8.78 17.34 19.82
C ALA B 104 9.66 16.84 20.99
N ARG B 105 9.16 16.83 22.23
CA ARG B 105 9.95 16.35 23.36
C ARG B 105 10.41 14.92 23.10
N ALA B 106 9.45 14.11 22.63
CA ALA B 106 9.71 12.71 22.30
C ALA B 106 10.92 12.62 21.37
N THR B 107 10.95 13.42 20.33
CA THR B 107 12.06 13.40 19.39
C THR B 107 13.39 13.86 19.99
N LYS B 108 13.33 14.77 20.95
CA LYS B 108 14.59 15.19 21.54
C LYS B 108 15.18 14.17 22.54
N LEU B 109 14.40 13.65 23.48
CA LEU B 109 14.89 12.70 24.48
C LEU B 109 15.52 11.47 23.86
N THR B 110 14.90 11.10 22.74
CA THR B 110 15.32 9.92 22.02
C THR B 110 16.54 10.11 21.15
N MET B 111 16.86 11.35 20.77
CA MET B 111 18.04 11.55 19.95
C MET B 111 19.29 11.61 20.83
N ASN B 112 19.07 11.50 22.14
CA ASN B 112 20.18 11.53 23.07
C ASN B 112 20.04 10.44 24.07
N ARG B 113 21.00 9.51 24.08
CA ARG B 113 20.93 8.39 25.00
C ARG B 113 20.81 8.74 26.48
N GLU B 114 21.40 9.88 26.85
CA GLU B 114 21.37 10.34 28.22
C GLU B 114 19.95 10.62 28.65
N GLY B 115 19.28 11.40 27.76
CA GLY B 115 17.90 11.79 27.94
C GLY B 115 17.05 10.58 28.21
N ILE B 116 16.96 9.76 27.19
CA ILE B 116 16.17 8.56 27.30
C ILE B 116 16.59 7.57 28.39
N ARG B 117 17.88 7.36 28.50
CA ARG B 117 18.36 6.42 29.50
C ARG B 117 17.98 6.83 30.90
N ARG B 118 18.19 8.11 31.18
CA ARG B 118 17.87 8.61 32.50
C ARG B 118 16.39 8.48 32.87
N LEU B 119 15.56 8.82 31.87
CA LEU B 119 14.11 8.77 31.97
C LEU B 119 13.64 7.37 32.35
N ALA B 120 14.10 6.44 31.57
CA ALA B 120 13.70 5.09 31.83
C ALA B 120 14.17 4.53 33.14
N ALA B 121 15.48 4.61 33.33
CA ALA B 121 16.13 4.06 34.50
C ALA B 121 15.85 4.74 35.79
N GLU B 122 16.02 6.02 35.71
CA GLU B 122 15.82 6.80 36.90
C GLU B 122 14.40 7.15 37.12
N GLU B 123 13.97 8.06 36.28
CA GLU B 123 12.60 8.52 36.38
C GLU B 123 11.59 7.38 36.42
N LEU B 124 11.61 6.57 35.38
CA LEU B 124 10.65 5.49 35.29
C LEU B 124 10.96 4.29 36.13
N GLN B 125 12.15 4.27 36.68
CA GLN B 125 12.49 3.14 37.51
C GLN B 125 12.37 1.83 36.77
N LEU B 126 12.82 1.82 35.52
CA LEU B 126 12.77 0.63 34.68
C LEU B 126 14.05 -0.19 34.59
N PRO B 127 13.93 -1.51 34.28
CA PRO B 127 15.11 -2.36 34.11
C PRO B 127 15.82 -2.11 32.79
N THR B 128 17.11 -1.82 32.93
CA THR B 128 18.01 -1.54 31.83
C THR B 128 19.41 -2.09 32.13
N SER B 129 20.31 -2.00 31.15
CA SER B 129 21.66 -2.49 31.37
C SER B 129 22.41 -1.51 32.28
N THR B 130 23.48 -1.97 32.95
CA THR B 130 24.24 -1.05 33.78
C THR B 130 24.87 -0.04 32.82
N TYR B 131 25.05 1.19 33.27
CA TYR B 131 25.64 2.18 32.36
C TYR B 131 26.29 3.31 33.11
N ARG B 132 27.03 4.11 32.37
CA ARG B 132 27.70 5.27 32.90
C ARG B 132 27.96 6.20 31.73
N PHE B 133 27.92 7.51 31.99
CA PHE B 133 28.16 8.54 30.99
C PHE B 133 29.55 9.11 31.22
N ALA B 134 30.21 9.60 30.18
CA ALA B 134 31.54 10.13 30.40
C ALA B 134 31.85 11.21 29.38
N ASP B 135 32.51 12.27 29.85
CA ASP B 135 32.89 13.41 29.03
C ASP B 135 34.37 13.44 28.64
N SER B 136 35.17 12.53 29.20
CA SER B 136 36.60 12.46 28.91
C SER B 136 37.13 11.03 28.95
N GLU B 137 38.21 10.84 28.17
CA GLU B 137 38.85 9.54 28.10
C GLU B 137 39.12 9.04 29.50
N SER B 138 39.66 9.91 30.35
CA SER B 138 39.95 9.52 31.71
C SER B 138 38.71 8.97 32.33
N LEU B 139 37.62 9.72 32.16
CA LEU B 139 36.37 9.32 32.71
C LEU B 139 35.88 8.06 32.02
N PHE B 140 36.12 8.03 30.69
CA PHE B 140 35.76 6.92 29.82
C PHE B 140 36.39 5.67 30.36
N ARG B 141 37.70 5.82 30.58
CA ARG B 141 38.59 4.79 31.10
C ARG B 141 38.08 4.39 32.47
N GLU B 142 37.80 5.43 33.23
CA GLU B 142 37.28 5.26 34.55
C GLU B 142 35.98 4.44 34.51
N ALA B 143 35.06 4.89 33.66
CA ALA B 143 33.76 4.23 33.50
C ALA B 143 33.86 2.77 33.05
N VAL B 144 34.70 2.54 32.05
CA VAL B 144 34.83 1.20 31.59
C VAL B 144 35.27 0.28 32.69
N ALA B 145 35.94 0.90 33.64
CA ALA B 145 36.45 0.21 34.79
C ALA B 145 35.32 -0.11 35.75
N ASP B 146 34.43 0.86 35.85
CA ASP B 146 33.29 0.71 36.72
C ASP B 146 32.25 -0.27 36.17
N ILE B 147 32.18 -0.33 34.84
CA ILE B 147 31.24 -1.22 34.18
C ILE B 147 31.82 -2.63 34.05
N GLY B 148 33.10 -2.68 33.72
CA GLY B 148 33.78 -3.95 33.56
C GLY B 148 33.66 -4.50 32.14
N TYR B 149 34.13 -5.72 31.99
CA TYR B 149 34.06 -6.35 30.69
C TYR B 149 33.17 -7.57 30.72
N PRO B 150 32.59 -7.77 29.52
CA PRO B 150 32.83 -6.85 28.42
C PRO B 150 31.88 -5.65 28.53
N CYS B 151 32.05 -4.66 27.67
CA CYS B 151 31.16 -3.53 27.79
C CYS B 151 30.93 -2.88 26.45
N ILE B 152 29.91 -2.02 26.36
CA ILE B 152 29.67 -1.35 25.09
C ILE B 152 29.78 0.17 25.17
N VAL B 153 30.47 0.75 24.22
CA VAL B 153 30.56 2.17 24.30
C VAL B 153 29.92 2.86 23.14
N LYS B 154 29.06 3.80 23.48
CA LYS B 154 28.38 4.51 22.42
C LYS B 154 28.29 5.99 22.66
N PRO B 155 28.41 6.69 21.55
CA PRO B 155 28.29 8.13 21.58
C PRO B 155 26.85 8.43 22.04
N VAL B 156 26.62 9.46 22.87
CA VAL B 156 25.25 9.74 23.29
C VAL B 156 24.40 10.23 22.11
N MET B 157 25.06 10.34 20.96
CA MET B 157 24.51 10.76 19.67
C MET B 157 24.79 9.78 18.50
N SER B 158 24.51 8.45 18.71
CA SER B 158 24.70 7.30 17.77
C SER B 158 23.49 6.41 17.48
N SER B 159 23.44 5.87 16.24
CA SER B 159 22.44 4.96 15.64
C SER B 159 23.10 3.95 14.70
N SER B 160 22.36 2.92 14.25
CA SER B 160 22.90 1.90 13.35
C SER B 160 24.25 1.40 13.88
N GLY B 161 24.49 1.59 15.21
CA GLY B 161 25.70 1.23 15.92
C GLY B 161 26.89 2.18 15.66
N LYS B 162 26.65 3.26 14.90
CA LYS B 162 27.65 4.27 14.51
C LYS B 162 28.52 4.88 15.64
N GLY B 163 29.84 4.68 15.57
CA GLY B 163 30.83 5.15 16.52
C GLY B 163 30.88 4.33 17.81
N GLN B 164 30.20 3.18 17.85
CA GLN B 164 30.09 2.28 19.00
C GLN B 164 31.21 1.23 19.00
N THR B 165 31.49 0.60 20.14
CA THR B 165 32.53 -0.41 20.20
C THR B 165 32.20 -1.46 21.25
N PHE B 166 32.40 -2.77 20.94
CA PHE B 166 32.17 -3.88 21.89
C PHE B 166 33.51 -4.09 22.55
N ILE B 167 33.55 -3.94 23.88
CA ILE B 167 34.79 -4.06 24.59
C ILE B 167 34.91 -5.16 25.59
N ARG B 168 35.92 -5.98 25.28
CA ARG B 168 36.30 -7.10 26.11
C ARG B 168 37.71 -6.85 26.67
N SER B 169 38.50 -6.02 25.93
CA SER B 169 39.86 -5.69 26.34
C SER B 169 40.37 -4.23 26.33
N ALA B 170 41.20 -3.95 27.34
CA ALA B 170 41.76 -2.64 27.54
C ALA B 170 42.51 -2.09 26.34
N GLU B 171 43.00 -2.99 25.52
CA GLU B 171 43.75 -2.60 24.33
C GLU B 171 42.95 -1.78 23.32
N GLN B 172 41.64 -1.97 23.31
CA GLN B 172 40.77 -1.26 22.39
C GLN B 172 40.58 0.21 22.80
N LEU B 173 40.74 0.54 24.07
CA LEU B 173 40.55 1.89 24.58
C LEU B 173 40.99 3.10 23.77
N ALA B 174 42.12 3.05 23.12
CA ALA B 174 42.56 4.21 22.33
C ALA B 174 41.62 4.50 21.16
N GLN B 175 41.39 3.40 20.43
CA GLN B 175 40.53 3.34 19.25
C GLN B 175 39.07 3.54 19.64
N ALA B 176 38.62 2.84 20.69
CA ALA B 176 37.24 2.95 21.16
C ALA B 176 36.94 4.42 21.37
N TRP B 177 37.71 5.03 22.27
CA TRP B 177 37.51 6.43 22.57
C TRP B 177 37.53 7.32 21.33
N LYS B 178 38.40 6.98 20.40
CA LYS B 178 38.55 7.70 19.15
C LYS B 178 37.37 7.48 18.18
N TYR B 179 36.86 6.25 18.14
CA TYR B 179 35.74 5.84 17.30
C TYR B 179 34.52 6.65 17.73
N ALA B 180 34.38 6.76 19.06
CA ALA B 180 33.32 7.48 19.77
C ALA B 180 33.31 8.99 19.55
N GLN B 181 34.50 9.57 19.44
CA GLN B 181 34.56 10.99 19.22
C GLN B 181 34.31 11.23 17.75
N GLN B 182 34.58 10.14 17.03
CA GLN B 182 34.48 10.04 15.59
C GLN B 182 33.04 10.11 15.07
N GLY B 183 32.23 9.09 15.36
CA GLY B 183 30.84 9.09 14.92
C GLY B 183 29.93 10.05 15.71
N GLY B 184 28.66 10.11 15.28
CA GLY B 184 27.65 10.97 15.91
C GLY B 184 27.81 12.40 15.40
N ARG B 185 28.39 13.27 16.25
CA ARG B 185 28.64 14.67 15.92
C ARG B 185 30.05 14.82 15.33
N ALA B 186 31.02 14.48 16.17
CA ALA B 186 32.43 14.56 15.81
C ALA B 186 32.84 16.03 15.74
N GLY B 189 31.13 15.75 22.36
CA GLY B 189 31.87 14.49 22.45
C GLY B 189 31.67 13.80 23.80
N ARG B 190 30.52 13.14 23.93
CA ARG B 190 30.22 12.46 25.16
C ARG B 190 29.70 11.07 24.86
N VAL B 191 29.94 10.16 25.81
CA VAL B 191 29.55 8.77 25.67
C VAL B 191 28.88 8.11 26.88
N ILE B 192 28.40 6.94 26.56
CA ILE B 192 27.74 6.01 27.44
C ILE B 192 28.50 4.70 27.32
N VAL B 193 28.61 4.08 28.50
CA VAL B 193 29.28 2.83 28.68
C VAL B 193 28.28 1.94 29.35
N GLU B 194 27.82 0.97 28.56
CA GLU B 194 26.84 0.04 29.09
C GLU B 194 27.43 -1.32 29.33
N GLY B 195 26.89 -1.94 30.35
CA GLY B 195 27.32 -3.27 30.66
C GLY B 195 26.70 -4.12 29.57
N VAL B 196 27.13 -5.35 29.43
CA VAL B 196 26.58 -6.22 28.43
C VAL B 196 25.55 -7.15 29.04
N VAL B 197 24.36 -7.15 28.42
CA VAL B 197 23.25 -7.99 28.87
C VAL B 197 23.27 -9.36 28.18
N LYS B 198 23.11 -10.46 28.96
CA LYS B 198 23.12 -11.80 28.37
C LYS B 198 21.67 -12.35 28.33
N PHE B 199 20.98 -11.91 27.27
CA PHE B 199 19.59 -12.22 27.06
C PHE B 199 19.27 -13.39 26.15
N ASP B 200 18.11 -14.02 26.36
CA ASP B 200 17.79 -15.14 25.48
C ASP B 200 17.58 -14.61 24.08
N PHE B 201 16.87 -13.50 23.94
CA PHE B 201 16.62 -12.93 22.62
C PHE B 201 16.25 -11.45 22.76
N GLU B 202 16.16 -10.74 21.61
CA GLU B 202 15.82 -9.32 21.59
C GLU B 202 14.50 -9.20 20.86
N ILE B 203 13.65 -8.24 21.25
CA ILE B 203 12.37 -8.01 20.55
C ILE B 203 12.18 -6.52 20.36
N THR B 204 11.27 -6.19 19.46
CA THR B 204 10.86 -4.82 19.20
C THR B 204 9.37 -4.90 19.55
N LEU B 205 8.91 -4.14 20.55
CA LEU B 205 7.50 -4.18 20.86
C LEU B 205 6.91 -2.91 20.24
N LEU B 206 6.29 -3.07 19.05
CA LEU B 206 5.63 -2.00 18.30
C LEU B 206 4.36 -1.63 19.06
N THR B 207 4.46 -0.46 19.68
CA THR B 207 3.41 0.07 20.53
C THR B 207 2.83 1.36 19.97
N VAL B 208 1.50 1.33 19.76
CA VAL B 208 0.81 2.49 19.23
C VAL B 208 0.01 3.21 20.32
N SER B 209 0.24 4.51 20.39
CA SER B 209 -0.43 5.39 21.33
C SER B 209 -1.41 6.22 20.51
N ALA B 210 -2.70 6.02 20.73
CA ALA B 210 -3.75 6.69 19.98
C ALA B 210 -4.86 7.18 20.85
N VAL B 211 -5.84 7.76 20.16
CA VAL B 211 -7.02 8.30 20.84
C VAL B 211 -7.74 7.29 21.75
N ASP B 212 -7.71 6.01 21.37
CA ASP B 212 -8.34 4.93 22.13
C ASP B 212 -7.32 4.24 23.04
N GLY B 213 -6.24 4.95 23.34
CA GLY B 213 -5.21 4.42 24.22
C GLY B 213 -4.04 3.75 23.53
N VAL B 214 -3.36 2.91 24.30
CA VAL B 214 -2.19 2.18 23.85
C VAL B 214 -2.54 0.73 23.59
N HIS B 215 -2.15 0.32 22.38
CA HIS B 215 -2.32 -1.03 21.85
C HIS B 215 -0.95 -1.54 21.40
N PHE B 216 -0.74 -2.85 21.52
CA PHE B 216 0.53 -3.46 21.12
C PHE B 216 0.44 -4.43 19.97
N CYS B 217 1.51 -4.50 19.21
CA CYS B 217 1.56 -5.48 18.14
C CYS B 217 2.21 -6.68 18.81
N ALA B 218 2.04 -7.85 18.23
CA ALA B 218 2.67 -9.03 18.78
C ALA B 218 4.18 -8.79 18.71
N PRO B 219 4.94 -9.29 19.70
CA PRO B 219 6.39 -9.08 19.71
C PRO B 219 7.11 -9.51 18.46
N VAL B 220 8.01 -8.65 18.02
CA VAL B 220 8.85 -8.88 16.88
C VAL B 220 10.27 -9.26 17.25
N GLY B 221 10.67 -10.47 16.89
CA GLY B 221 12.05 -10.80 17.21
C GLY B 221 12.94 -10.42 16.03
N HIS B 222 14.25 -10.32 16.26
CA HIS B 222 15.14 -9.98 15.16
C HIS B 222 16.59 -10.36 15.43
N ARG B 223 17.33 -10.43 14.31
CA ARG B 223 18.72 -10.75 14.27
C ARG B 223 19.49 -9.55 13.71
N GLN B 224 20.38 -9.05 14.56
CA GLN B 224 21.24 -7.92 14.24
C GLN B 224 22.61 -8.43 13.80
N GLU B 225 23.24 -7.78 12.85
CA GLU B 225 24.56 -8.20 12.39
C GLU B 225 25.26 -6.99 11.85
N ASP B 226 26.42 -6.71 12.39
CA ASP B 226 27.16 -5.58 11.88
C ASP B 226 26.35 -4.31 11.86
N GLY B 227 25.64 -4.08 12.97
CA GLY B 227 24.81 -2.90 13.20
C GLY B 227 23.56 -2.80 12.32
N ASP B 228 23.16 -3.92 11.72
CA ASP B 228 22.00 -3.93 10.85
C ASP B 228 21.07 -5.08 11.17
N TYR B 229 19.77 -4.84 11.17
CA TYR B 229 18.91 -5.99 11.41
C TYR B 229 19.00 -6.77 10.11
N ARG B 230 18.92 -8.10 10.17
CA ARG B 230 19.03 -8.99 8.98
C ARG B 230 17.69 -9.66 8.70
N GLU B 231 17.13 -10.20 9.77
CA GLU B 231 15.82 -10.81 9.69
C GLU B 231 15.03 -10.40 10.92
N SER B 232 13.69 -10.41 10.79
CA SER B 232 12.75 -10.10 11.87
C SER B 232 11.61 -11.08 11.70
N TRP B 233 10.93 -11.41 12.80
CA TRP B 233 9.85 -12.35 12.74
C TRP B 233 8.82 -12.03 13.81
N GLN B 234 7.64 -12.57 13.59
CA GLN B 234 6.51 -12.37 14.48
C GLN B 234 5.52 -13.54 14.34
N PRO B 235 4.99 -13.97 15.48
CA PRO B 235 5.33 -13.39 16.78
C PRO B 235 6.50 -14.13 17.43
N GLN B 236 7.31 -13.40 18.21
CA GLN B 236 8.40 -14.02 18.94
C GLN B 236 7.77 -14.68 20.18
N GLN B 237 8.03 -15.98 20.35
CA GLN B 237 7.58 -16.82 21.48
C GLN B 237 8.13 -16.22 22.77
N MET B 238 7.26 -15.96 23.73
CA MET B 238 7.67 -15.39 25.01
C MET B 238 6.69 -15.80 26.08
N SER B 239 7.15 -15.84 27.32
CA SER B 239 6.29 -16.22 28.42
C SER B 239 5.22 -15.17 28.63
N PRO B 240 4.07 -15.63 29.11
CA PRO B 240 2.97 -14.74 29.35
C PRO B 240 3.43 -13.69 30.31
N LEU B 241 4.21 -14.16 31.26
CA LEU B 241 4.71 -13.25 32.24
C LEU B 241 5.66 -12.27 31.55
N ALA B 242 6.55 -12.84 30.74
CA ALA B 242 7.50 -12.01 30.05
C ALA B 242 6.80 -10.97 29.21
N LEU B 243 5.76 -11.39 28.47
CA LEU B 243 5.03 -10.49 27.61
C LEU B 243 4.41 -9.34 28.35
N GLU B 244 3.76 -9.76 29.43
CA GLU B 244 3.08 -8.87 30.35
C GLU B 244 4.04 -7.77 30.81
N ARG B 245 5.28 -8.14 31.22
CA ARG B 245 6.32 -7.22 31.68
C ARG B 245 6.77 -6.27 30.57
N ALA B 246 6.90 -6.81 29.38
CA ALA B 246 7.31 -6.03 28.24
C ALA B 246 6.28 -4.96 27.93
N GLN B 247 5.01 -5.35 27.99
CA GLN B 247 3.96 -4.40 27.73
C GLN B 247 3.94 -3.27 28.74
N GLU B 248 4.21 -3.62 30.00
CA GLU B 248 4.22 -2.62 31.05
C GLU B 248 5.31 -1.64 30.81
N ILE B 249 6.43 -2.19 30.47
CA ILE B 249 7.49 -1.27 30.23
C ILE B 249 7.17 -0.36 29.05
N ALA B 250 6.72 -0.94 27.94
CA ALA B 250 6.39 -0.17 26.72
C ALA B 250 5.36 0.95 26.96
N ARG B 251 4.31 0.60 27.70
CA ARG B 251 3.27 1.58 28.02
C ARG B 251 3.82 2.77 28.80
N LYS B 252 4.57 2.43 29.87
CA LYS B 252 5.16 3.48 30.70
C LYS B 252 6.01 4.40 29.88
N VAL B 253 6.86 3.80 29.03
CA VAL B 253 7.71 4.59 28.18
C VAL B 253 6.98 5.50 27.18
N VAL B 254 6.04 4.94 26.40
CA VAL B 254 5.36 5.76 25.41
C VAL B 254 4.52 6.88 26.01
N LEU B 255 3.88 6.53 27.11
CA LEU B 255 3.07 7.52 27.79
C LEU B 255 4.02 8.61 28.28
N ALA B 256 5.19 8.21 28.79
CA ALA B 256 6.13 9.21 29.28
C ALA B 256 6.68 10.09 28.19
N LEU B 257 6.93 9.53 27.02
CA LEU B 257 7.44 10.35 25.93
C LEU B 257 6.34 11.29 25.45
N GLY B 258 5.11 10.75 25.39
CA GLY B 258 3.93 11.48 24.96
C GLY B 258 3.66 11.60 23.45
N GLY B 259 2.40 11.95 23.17
CA GLY B 259 1.96 12.13 21.78
C GLY B 259 1.51 10.85 21.09
N TYR B 260 0.69 11.04 20.06
CA TYR B 260 0.19 9.88 19.32
C TYR B 260 1.10 9.44 18.17
N GLY B 261 1.24 8.14 18.09
CA GLY B 261 2.05 7.55 17.04
C GLY B 261 2.43 6.13 17.39
N LEU B 262 3.20 5.53 16.48
CA LEU B 262 3.69 4.17 16.68
C LEU B 262 5.13 4.31 17.18
N PHE B 263 5.47 3.58 18.25
CA PHE B 263 6.79 3.55 18.83
C PHE B 263 7.41 2.18 18.76
N GLY B 264 8.73 2.15 18.54
CA GLY B 264 9.48 0.87 18.49
C GLY B 264 10.23 0.70 19.80
N VAL B 265 9.71 -0.06 20.74
CA VAL B 265 10.31 -0.29 22.04
C VAL B 265 11.22 -1.52 21.99
N GLU B 266 12.55 -1.27 22.11
CA GLU B 266 13.61 -2.29 22.07
C GLU B 266 13.85 -2.82 23.47
N LEU B 267 13.72 -4.14 23.59
CA LEU B 267 13.86 -4.83 24.86
C LEU B 267 14.65 -6.10 24.72
N PHE B 268 15.15 -6.55 25.88
CA PHE B 268 15.91 -7.79 25.96
C PHE B 268 15.13 -8.71 26.85
N VAL B 269 15.13 -10.00 26.48
CA VAL B 269 14.44 -11.03 27.27
C VAL B 269 15.39 -12.14 27.68
N CYS B 270 15.34 -12.44 28.97
CA CYS B 270 16.10 -13.50 29.64
C CYS B 270 15.09 -14.17 30.53
N GLY B 271 14.57 -15.31 30.09
CA GLY B 271 13.57 -15.97 30.90
C GLY B 271 12.34 -15.08 30.94
N ASP B 272 11.77 -14.93 32.14
CA ASP B 272 10.56 -14.14 32.32
C ASP B 272 10.91 -12.69 32.60
N GLU B 273 12.22 -12.40 32.50
CA GLU B 273 12.81 -11.08 32.72
C GLU B 273 13.01 -10.18 31.51
N VAL B 274 12.45 -8.96 31.62
CA VAL B 274 12.56 -8.02 30.51
C VAL B 274 13.34 -6.75 30.85
N ILE B 275 14.25 -6.46 29.92
CA ILE B 275 15.12 -5.31 30.05
C ILE B 275 15.00 -4.29 28.94
N PHE B 276 14.76 -3.07 29.38
CA PHE B 276 14.64 -1.96 28.47
C PHE B 276 15.95 -1.56 27.83
N SER B 277 15.97 -1.46 26.51
CA SER B 277 17.17 -1.04 25.84
C SER B 277 17.03 0.42 25.38
N GLU B 278 16.07 0.68 24.47
CA GLU B 278 15.84 2.00 23.92
C GLU B 278 14.51 1.99 23.15
N VAL B 279 14.13 3.14 22.60
CA VAL B 279 12.87 3.24 21.88
C VAL B 279 12.91 4.24 20.71
N SER B 280 12.30 3.88 19.57
CA SER B 280 12.25 4.78 18.43
C SER B 280 10.85 5.43 18.49
N PRO B 281 10.75 6.78 18.43
CA PRO B 281 9.44 7.45 18.49
C PRO B 281 8.82 7.50 17.09
N ARG B 282 8.77 6.33 16.47
CA ARG B 282 8.28 6.20 15.11
C ARG B 282 8.43 4.74 14.72
N PRO B 283 7.95 4.40 13.52
CA PRO B 283 8.05 3.03 13.00
C PRO B 283 9.55 2.63 12.96
N HIS B 284 9.80 1.35 13.23
CA HIS B 284 11.12 0.75 13.33
C HIS B 284 11.43 -0.19 12.18
N ASP B 285 12.65 -0.23 11.66
CA ASP B 285 12.96 -1.11 10.54
C ASP B 285 12.54 -2.57 10.70
N THR B 286 12.70 -3.12 11.90
CA THR B 286 12.33 -4.50 12.21
C THR B 286 10.85 -4.79 11.96
N GLY B 287 10.06 -3.73 12.18
CA GLY B 287 8.62 -3.77 12.00
C GLY B 287 8.22 -3.89 10.53
N MET B 288 9.18 -3.89 9.61
CA MET B 288 8.78 -4.06 8.22
C MET B 288 8.04 -5.43 8.01
N VAL B 289 8.19 -6.37 8.95
CA VAL B 289 7.51 -7.66 8.85
C VAL B 289 5.98 -7.45 8.87
N THR B 290 5.52 -6.40 9.56
CA THR B 290 4.09 -6.06 9.64
C THR B 290 3.43 -5.72 8.27
N LEU B 291 4.30 -5.57 7.22
CA LEU B 291 3.78 -5.32 5.88
C LEU B 291 3.11 -6.58 5.36
N ILE B 292 3.37 -7.74 5.99
CA ILE B 292 2.74 -8.96 5.54
C ILE B 292 2.04 -9.69 6.71
N SER B 293 2.41 -9.37 7.94
CA SER B 293 1.92 -10.03 9.14
C SER B 293 0.70 -9.52 9.85
N GLN B 294 0.25 -8.32 9.46
CA GLN B 294 -0.90 -7.78 10.13
C GLN B 294 -1.87 -7.13 9.18
N ASP B 295 -3.08 -6.91 9.69
CA ASP B 295 -4.06 -6.22 8.86
C ASP B 295 -3.58 -4.79 8.67
N LEU B 296 -3.06 -4.22 9.76
CA LEU B 296 -2.53 -2.86 9.73
C LEU B 296 -1.00 -2.90 9.90
N SER B 297 -0.27 -2.37 8.91
CA SER B 297 1.17 -2.36 8.99
C SER B 297 1.56 -1.27 10.01
N GLU B 298 2.81 -1.32 10.50
CA GLU B 298 3.27 -0.33 11.47
C GLU B 298 3.16 1.08 10.89
N PHE B 299 3.26 1.19 9.56
CA PHE B 299 3.16 2.48 8.88
C PHE B 299 1.70 2.96 8.90
N ALA B 300 0.76 2.02 8.67
CA ALA B 300 -0.66 2.38 8.70
C ALA B 300 -1.08 2.75 10.12
N LEU B 301 -0.47 2.08 11.12
CA LEU B 301 -0.79 2.33 12.50
C LEU B 301 -0.33 3.70 12.92
N HIS B 302 0.83 4.04 12.43
CA HIS B 302 1.42 5.33 12.72
C HIS B 302 0.50 6.46 12.24
N VAL B 303 0.04 6.34 10.97
CA VAL B 303 -0.83 7.33 10.35
C VAL B 303 -2.19 7.42 11.07
N ARG B 304 -2.81 6.27 11.30
CA ARG B 304 -4.07 6.20 12.03
C ARG B 304 -3.96 6.95 13.35
N ALA B 305 -2.89 6.65 14.09
CA ALA B 305 -2.66 7.26 15.38
C ALA B 305 -2.45 8.76 15.33
N PHE B 306 -1.51 9.21 14.48
CA PHE B 306 -1.24 10.65 14.41
C PHE B 306 -2.37 11.53 13.92
N LEU B 307 -3.17 10.96 13.03
CA LEU B 307 -4.33 11.64 12.51
C LEU B 307 -5.44 11.73 13.56
N GLY B 308 -5.23 11.14 14.75
CA GLY B 308 -6.22 11.15 15.84
C GLY B 308 -7.38 10.17 15.71
N LEU B 309 -7.16 9.10 14.95
CA LEU B 309 -8.13 8.09 14.70
C LEU B 309 -7.88 6.94 15.63
N PRO B 310 -8.95 6.21 15.99
CA PRO B 310 -8.82 5.05 16.90
C PRO B 310 -8.23 3.81 16.20
N VAL B 311 -7.45 3.00 16.91
CA VAL B 311 -6.85 1.78 16.36
C VAL B 311 -7.83 0.59 16.48
N GLY B 312 -8.38 0.44 17.71
CA GLY B 312 -9.33 -0.59 18.06
C GLY B 312 -8.73 -1.96 18.30
N GLY B 313 -8.01 -2.44 17.29
CA GLY B 313 -7.39 -3.76 17.41
C GLY B 313 -6.36 -4.00 16.30
N ILE B 314 -5.46 -4.98 16.49
CA ILE B 314 -4.44 -5.29 15.50
C ILE B 314 -4.51 -6.78 15.25
N ARG B 315 -4.75 -7.18 14.01
CA ARG B 315 -4.81 -8.60 13.72
C ARG B 315 -3.48 -9.05 13.19
N GLN B 316 -3.07 -10.20 13.70
CA GLN B 316 -1.81 -10.86 13.36
C GLN B 316 -2.16 -12.13 12.55
N TYR B 317 -1.57 -12.29 11.37
CA TYR B 317 -1.84 -13.42 10.50
C TYR B 317 -0.91 -14.64 10.60
N GLY B 318 -0.49 -15.03 11.80
CA GLY B 318 0.39 -16.20 11.91
C GLY B 318 1.86 -15.87 11.67
N PRO B 319 2.69 -16.89 11.82
CA PRO B 319 4.15 -16.81 11.66
C PRO B 319 4.50 -16.06 10.38
N ALA B 320 5.37 -15.05 10.59
CA ALA B 320 5.77 -14.23 9.46
C ALA B 320 7.19 -13.75 9.64
N ALA B 321 7.81 -13.33 8.53
CA ALA B 321 9.18 -12.85 8.65
C ALA B 321 9.55 -11.86 7.54
N SER B 322 10.59 -11.08 7.80
CA SER B 322 11.17 -10.15 6.84
C SER B 322 12.67 -10.50 6.82
N ALA B 323 13.30 -10.31 5.68
CA ALA B 323 14.74 -10.54 5.47
C ALA B 323 15.21 -9.47 4.49
N VAL B 324 16.21 -8.69 4.88
CA VAL B 324 16.72 -7.61 4.04
C VAL B 324 17.51 -8.04 2.79
N ILE B 325 17.43 -7.14 1.83
CA ILE B 325 18.17 -7.25 0.57
C ILE B 325 19.20 -6.15 0.82
N LEU B 326 20.41 -6.57 1.26
CA LEU B 326 21.55 -5.71 1.64
C LEU B 326 22.82 -6.04 0.90
N PRO B 327 22.89 -5.65 -0.37
CA PRO B 327 24.06 -5.91 -1.19
C PRO B 327 25.16 -4.92 -0.79
N GLN B 328 26.33 -5.05 -1.44
CA GLN B 328 27.44 -4.18 -1.14
C GLN B 328 28.22 -3.96 -2.43
N LEU B 329 28.08 -2.77 -2.99
CA LEU B 329 28.72 -2.43 -4.24
C LEU B 329 28.57 -0.93 -4.46
N THR B 330 29.09 -0.44 -5.58
CA THR B 330 29.02 0.96 -5.93
C THR B 330 28.38 1.08 -7.29
N SER B 331 27.24 1.76 -7.31
CA SER B 331 26.52 1.93 -8.57
C SER B 331 25.46 3.01 -8.46
N GLN B 332 25.12 3.59 -9.60
CA GLN B 332 24.04 4.58 -9.63
C GLN B 332 22.95 4.10 -10.63
N ASN B 333 22.96 2.80 -10.93
CA ASN B 333 22.02 2.27 -11.88
C ASN B 333 21.79 0.78 -11.58
N VAL B 334 21.37 0.54 -10.33
CA VAL B 334 21.12 -0.83 -9.85
C VAL B 334 19.95 -1.52 -10.53
N THR B 335 20.12 -2.78 -10.89
CA THR B 335 19.05 -3.53 -11.46
C THR B 335 18.92 -4.78 -10.62
N PHE B 336 17.75 -5.41 -10.66
CA PHE B 336 17.52 -6.61 -9.88
C PHE B 336 17.03 -7.76 -10.78
N ASP B 337 17.83 -8.82 -10.83
CA ASP B 337 17.48 -9.98 -11.64
C ASP B 337 17.07 -11.18 -10.84
N ASN B 338 16.49 -12.15 -11.52
CA ASN B 338 16.03 -13.36 -10.85
C ASN B 338 14.87 -13.13 -9.87
N VAL B 339 14.11 -12.02 -10.08
CA VAL B 339 12.99 -11.67 -9.19
C VAL B 339 11.89 -12.74 -9.10
N GLN B 340 11.72 -13.45 -10.23
CA GLN B 340 10.72 -14.52 -10.33
C GLN B 340 10.96 -15.61 -9.27
N ASN B 341 12.21 -15.69 -8.75
CA ASN B 341 12.52 -16.68 -7.73
C ASN B 341 12.52 -16.07 -6.35
N ALA B 342 11.99 -14.85 -6.24
CA ALA B 342 11.91 -14.17 -4.95
C ALA B 342 10.47 -13.87 -4.53
N VAL B 343 9.50 -14.25 -5.37
CA VAL B 343 8.06 -14.05 -5.12
C VAL B 343 7.30 -15.33 -5.34
N GLY B 344 6.13 -15.45 -4.73
CA GLY B 344 5.32 -16.68 -4.92
C GLY B 344 4.25 -16.73 -3.87
N ALA B 345 3.74 -17.90 -3.55
CA ALA B 345 2.73 -18.00 -2.51
C ALA B 345 3.34 -17.56 -1.19
N ASP B 346 2.59 -16.77 -0.41
CA ASP B 346 3.04 -16.32 0.89
C ASP B 346 4.38 -15.65 0.87
N LEU B 347 4.73 -15.05 -0.25
CA LEU B 347 6.04 -14.44 -0.41
C LEU B 347 6.00 -13.19 -1.29
N GLN B 348 6.51 -12.09 -0.73
CA GLN B 348 6.56 -10.83 -1.46
C GLN B 348 7.90 -10.12 -1.29
N ILE B 349 8.18 -9.16 -2.18
CA ILE B 349 9.40 -8.41 -2.00
C ILE B 349 9.09 -6.95 -2.31
N ARG B 350 9.87 -6.07 -1.70
CA ARG B 350 9.80 -4.63 -1.88
C ARG B 350 11.17 -4.21 -2.34
N LEU B 351 11.22 -3.30 -3.32
CA LEU B 351 12.43 -2.72 -3.88
C LEU B 351 12.21 -1.24 -3.70
N PHE B 352 13.06 -0.64 -2.88
CA PHE B 352 12.98 0.77 -2.48
C PHE B 352 13.05 1.95 -3.43
N GLY B 353 13.71 1.83 -4.58
CA GLY B 353 13.82 2.96 -5.50
C GLY B 353 15.06 3.83 -5.19
N LYS B 354 15.97 3.38 -4.28
CA LYS B 354 17.16 4.18 -3.95
C LYS B 354 17.96 4.41 -5.21
N PRO B 355 18.31 5.69 -5.43
CA PRO B 355 19.04 6.13 -6.62
C PRO B 355 20.45 5.59 -6.83
N GLU B 356 21.17 5.36 -5.71
CA GLU B 356 22.54 4.90 -5.82
C GLU B 356 22.96 4.14 -4.57
N ILE B 357 24.12 3.53 -4.65
CA ILE B 357 24.73 2.78 -3.53
C ILE B 357 26.25 2.92 -3.67
N ASP B 358 26.91 2.93 -2.54
CA ASP B 358 28.36 3.05 -2.52
C ASP B 358 28.82 2.40 -1.23
N GLY B 359 28.73 1.07 -1.26
CA GLY B 359 29.08 0.25 -0.11
C GLY B 359 27.86 -0.60 0.23
N SER B 360 27.69 -0.85 1.52
CA SER B 360 26.56 -1.65 2.02
C SER B 360 25.30 -0.81 2.21
N ARG B 361 24.24 -1.17 1.52
CA ARG B 361 23.02 -0.42 1.68
C ARG B 361 21.78 -1.31 1.54
N ARG B 362 20.71 -0.97 2.29
CA ARG B 362 19.46 -1.73 2.25
C ARG B 362 18.66 -1.28 1.04
N LEU B 363 18.57 -2.14 0.01
CA LEU B 363 17.85 -1.77 -1.22
C LEU B 363 16.42 -2.31 -1.37
N GLY B 364 16.04 -3.27 -0.52
CA GLY B 364 14.73 -3.90 -0.53
C GLY B 364 14.59 -4.81 0.68
N VAL B 365 13.49 -5.55 0.68
CA VAL B 365 13.19 -6.51 1.73
C VAL B 365 12.28 -7.62 1.17
N ALA B 366 12.42 -8.83 1.71
CA ALA B 366 11.62 -9.97 1.36
C ALA B 366 10.72 -10.21 2.56
N LEU B 367 9.47 -10.56 2.25
CA LEU B 367 8.43 -10.77 3.23
C LEU B 367 7.80 -12.14 3.03
N ALA B 368 7.66 -12.91 4.13
CA ALA B 368 7.06 -14.23 4.03
C ALA B 368 6.23 -14.63 5.25
N THR B 369 5.30 -15.55 5.00
CA THR B 369 4.47 -16.12 6.06
C THR B 369 4.60 -17.64 5.91
N ALA B 370 4.37 -18.37 7.00
CA ALA B 370 4.48 -19.81 6.96
C ALA B 370 3.76 -20.35 8.18
N GLU B 371 3.77 -21.67 8.30
CA GLU B 371 3.16 -22.38 9.39
C GLU B 371 3.95 -22.27 10.71
N SER B 372 5.23 -21.98 10.59
CA SER B 372 6.10 -21.81 11.76
C SER B 372 6.98 -20.58 11.55
N VAL B 373 7.37 -19.93 12.64
CA VAL B 373 8.23 -18.76 12.55
C VAL B 373 9.57 -19.10 11.85
N VAL B 374 10.07 -20.31 12.19
CA VAL B 374 11.30 -20.83 11.62
C VAL B 374 11.15 -20.98 10.10
N ASP B 375 10.03 -21.52 9.65
CA ASP B 375 9.88 -21.66 8.22
C ASP B 375 9.67 -20.31 7.58
N ALA B 376 8.99 -19.41 8.27
CA ALA B 376 8.76 -18.06 7.72
C ALA B 376 10.12 -17.41 7.44
N ILE B 377 11.02 -17.48 8.46
CA ILE B 377 12.38 -16.93 8.39
C ILE B 377 13.12 -17.50 7.18
N GLU B 378 13.15 -18.81 7.07
CA GLU B 378 13.82 -19.44 5.96
C GLU B 378 13.27 -19.01 4.61
N ARG B 379 11.92 -18.97 4.50
CA ARG B 379 11.27 -18.59 3.25
C ARG B 379 11.73 -17.20 2.82
N ALA B 380 11.69 -16.26 3.78
CA ALA B 380 12.08 -14.87 3.58
C ALA B 380 13.56 -14.75 3.23
N LYS B 381 14.45 -15.41 4.03
CA LYS B 381 15.90 -15.40 3.78
C LYS B 381 16.27 -15.89 2.37
N HIS B 382 15.72 -17.06 2.06
CA HIS B 382 15.94 -17.68 0.77
C HIS B 382 15.55 -16.72 -0.37
N ALA B 383 14.36 -16.14 -0.29
CA ALA B 383 13.88 -15.19 -1.33
C ALA B 383 14.82 -13.98 -1.46
N ALA B 384 15.20 -13.37 -0.34
CA ALA B 384 16.10 -12.21 -0.37
C ALA B 384 17.35 -12.64 -1.07
N GLY B 385 17.81 -13.85 -0.78
CA GLY B 385 19.04 -14.37 -1.37
C GLY B 385 18.96 -14.69 -2.86
N GLN B 386 17.75 -14.85 -3.41
CA GLN B 386 17.64 -15.16 -4.82
C GLN B 386 17.78 -13.95 -5.72
N VAL B 387 17.51 -12.79 -5.17
CA VAL B 387 17.62 -11.59 -5.97
C VAL B 387 19.10 -11.31 -6.33
N LYS B 388 19.37 -11.12 -7.62
CA LYS B 388 20.71 -10.83 -8.06
C LYS B 388 20.80 -9.32 -8.26
N VAL B 389 21.61 -8.66 -7.41
CA VAL B 389 21.78 -7.21 -7.48
C VAL B 389 22.96 -6.89 -8.38
N GLN B 390 22.66 -6.20 -9.47
CA GLN B 390 23.63 -5.82 -10.46
C GLN B 390 23.94 -4.31 -10.42
N GLY B 391 25.16 -3.94 -10.78
CA GLY B 391 25.57 -2.54 -10.75
C GLY B 391 25.72 -1.84 -12.08
#